data_5A7P
#
_entry.id   5A7P
#
_cell.length_a   101.440
_cell.length_b   149.160
_cell.length_c   57.740
_cell.angle_alpha   90.00
_cell.angle_beta   90.00
_cell.angle_gamma   90.00
#
_symmetry.space_group_name_H-M   'P 21 21 2'
#
loop_
_entity.id
_entity.type
_entity.pdbx_description
1 polymer 'LYSINE-SPECIFIC DEMETHYLASE 4A'
2 non-polymer 'SULFATE ION'
3 non-polymer 'MANGANESE (II) ION'
4 non-polymer 'ZINC ION'
5 non-polymer 1,2-ETHANEDIOL
6 non-polymer '2-[5-[(5-methyl-1,2-oxazol-3-yl)carbonylamino]-2-oxidanyl-phenyl]pyridine-4-carboxylic acid'
7 non-polymer 'DIMETHYL SULFOXIDE'
8 water water
#
_entity_poly.entity_id   1
_entity_poly.type   'polypeptide(L)'
_entity_poly.pdbx_seq_one_letter_code
;MHHHHHHSSGVDLGTENLYFQSMASESETLNPSARIMTFYPTMEEFRNFSRYIAYIESQGAHRAGLAKVVPPKEWKPRAS
YDDIDDLVIPAPIQQLVTGQSGLFTQYNIQKKAMTVREFRKIANSDKYCTPRYSEFEELERKYWKNLTFNPPIYGADVNG
TLYEKHVDEWNIGRLRTILDLVEKESGITIEGVNTPYLYFGMWKTSFAWHTEDMDLYSINYLHFGEPKSWYSVPPEHGKR
LERLAKGFFPGSAQSCEAFLRHKMTLISPLMLKKYGIPFDKVTQEAGEFMITFPYGYHAGFNHGFNCAESTNFATRRWIE
YGKQAVLCSCRKDMVKISMDVFVRKFQPERYKLWKAGKDNTVIDHTLPTPEAAEFLKESEL
;
_entity_poly.pdbx_strand_id   A,B
#
loop_
_chem_comp.id
_chem_comp.type
_chem_comp.name
_chem_comp.formula
6Z1 non-polymer '2-[5-[(5-methyl-1,2-oxazol-3-yl)carbonylamino]-2-oxidanyl-phenyl]pyridine-4-carboxylic acid' 'C17 H13 N3 O5'
DMS non-polymer 'DIMETHYL SULFOXIDE' 'C2 H6 O S'
EDO non-polymer 1,2-ETHANEDIOL 'C2 H6 O2'
MN non-polymer 'MANGANESE (II) ION' 'Mn 2'
SO4 non-polymer 'SULFATE ION' 'O4 S -2'
ZN non-polymer 'ZINC ION' 'Zn 2'
#
# COMPACT_ATOMS: atom_id res chain seq x y z
N GLU A 26 6.36 -3.97 -22.70
CA GLU A 26 5.18 -4.03 -23.56
C GLU A 26 3.88 -4.08 -22.76
N SER A 27 3.73 -5.11 -21.94
CA SER A 27 2.57 -5.28 -21.07
C SER A 27 2.61 -4.29 -19.90
N GLU A 28 3.83 -3.99 -19.47
CA GLU A 28 4.06 -3.02 -18.40
C GLU A 28 3.54 -1.65 -18.73
N THR A 29 3.54 -1.33 -20.03
CA THR A 29 3.18 0.00 -20.51
C THR A 29 1.67 0.17 -20.71
N LEU A 30 0.95 -0.95 -20.74
CA LEU A 30 -0.50 -0.94 -20.84
C LEU A 30 -1.13 -0.89 -19.44
N ASN A 31 -2.14 -0.03 -19.28
CA ASN A 31 -2.74 0.32 -17.99
C ASN A 31 -1.74 0.43 -16.84
N PRO A 32 -0.70 1.28 -16.99
CA PRO A 32 0.36 1.39 -15.98
C PRO A 32 -0.13 1.80 -14.59
N SER A 33 -1.27 2.50 -14.54
CA SER A 33 -1.89 2.92 -13.29
C SER A 33 -2.69 1.80 -12.64
N ALA A 34 -2.91 0.73 -13.39
CA ALA A 34 -3.70 -0.41 -12.94
C ALA A 34 -5.06 0.05 -12.44
N ARG A 35 -5.67 1.00 -13.16
CA ARG A 35 -7.02 1.48 -12.79
C ARG A 35 -8.11 0.58 -13.39
N ILE A 36 -9.28 0.57 -12.75
CA ILE A 36 -10.43 -0.20 -13.26
C ILE A 36 -10.91 0.36 -14.61
N MET A 37 -10.88 -0.49 -15.64
CA MET A 37 -11.30 -0.08 -16.99
C MET A 37 -12.73 -0.49 -17.31
N THR A 38 -13.32 0.20 -18.29
CA THR A 38 -14.70 -0.02 -18.69
C THR A 38 -14.76 -0.18 -20.19
N PHE A 39 -15.46 -1.22 -20.65
CA PHE A 39 -15.48 -1.55 -22.08
C PHE A 39 -16.88 -1.57 -22.61
N TYR A 40 -17.01 -1.09 -23.84
CA TYR A 40 -18.27 -1.00 -24.55
C TYR A 40 -18.15 -1.79 -25.84
N PRO A 41 -18.27 -3.12 -25.75
CA PRO A 41 -18.11 -3.94 -26.95
C PRO A 41 -19.28 -3.81 -27.88
N THR A 42 -19.01 -3.83 -29.18
CA THR A 42 -20.07 -3.99 -30.18
C THR A 42 -20.70 -5.37 -30.03
N MET A 43 -21.85 -5.58 -30.66
CA MET A 43 -22.52 -6.88 -30.63
C MET A 43 -21.66 -7.96 -31.23
N GLU A 44 -20.80 -7.56 -32.16
CA GLU A 44 -19.95 -8.54 -32.83
C GLU A 44 -18.82 -8.96 -31.91
N GLU A 45 -18.26 -8.01 -31.17
CA GLU A 45 -17.23 -8.32 -30.20
C GLU A 45 -17.81 -9.16 -29.03
N PHE A 46 -19.10 -8.95 -28.76
CA PHE A 46 -19.75 -9.52 -27.59
C PHE A 46 -20.07 -11.01 -27.76
N ARG A 47 -20.05 -11.50 -28.99
CA ARG A 47 -20.44 -12.87 -29.30
C ARG A 47 -19.48 -13.96 -28.78
N ASN A 48 -18.17 -13.68 -28.85
CA ASN A 48 -17.17 -14.64 -28.41
C ASN A 48 -16.60 -14.25 -27.05
N PHE A 49 -16.95 -15.02 -26.02
CA PHE A 49 -16.62 -14.66 -24.65
C PHE A 49 -15.12 -14.68 -24.38
N SER A 50 -14.50 -15.83 -24.59
CA SER A 50 -13.10 -15.98 -24.29
C SER A 50 -12.27 -15.03 -25.13
N ARG A 51 -12.73 -14.71 -26.34
CA ARG A 51 -12.00 -13.80 -27.20
C ARG A 51 -11.99 -12.39 -26.61
N TYR A 52 -13.15 -11.90 -26.17
CA TYR A 52 -13.21 -10.56 -25.61
C TYR A 52 -12.45 -10.44 -24.29
N ILE A 53 -12.49 -11.48 -23.46
CA ILE A 53 -11.67 -11.47 -22.25
C ILE A 53 -10.21 -11.36 -22.64
N ALA A 54 -9.80 -12.09 -23.67
CA ALA A 54 -8.42 -11.97 -24.17
C ALA A 54 -8.15 -10.55 -24.67
N TYR A 55 -9.14 -9.92 -25.31
CA TYR A 55 -8.94 -8.56 -25.79
C TYR A 55 -8.75 -7.56 -24.66
N ILE A 56 -9.64 -7.54 -23.67
CA ILE A 56 -9.52 -6.59 -22.57
C ILE A 56 -8.21 -6.81 -21.79
N GLU A 57 -7.72 -8.03 -21.76
CA GLU A 57 -6.39 -8.30 -21.20
C GLU A 57 -5.29 -7.70 -22.08
N SER A 58 -5.46 -7.71 -23.40
CA SER A 58 -4.47 -7.09 -24.28
C SER A 58 -4.40 -5.57 -24.04
N GLN A 59 -5.49 -5.02 -23.53
CA GLN A 59 -5.58 -3.62 -23.16
C GLN A 59 -5.17 -3.35 -21.70
N GLY A 60 -4.69 -4.39 -21.02
CA GLY A 60 -4.17 -4.25 -19.66
C GLY A 60 -5.20 -4.15 -18.55
N ALA A 61 -6.45 -4.49 -18.88
CA ALA A 61 -7.54 -4.48 -17.91
C ALA A 61 -7.27 -5.33 -16.65
N HIS A 62 -6.56 -6.44 -16.79
CA HIS A 62 -6.39 -7.37 -15.68
C HIS A 62 -5.56 -6.79 -14.56
N ARG A 63 -4.74 -5.79 -14.88
CA ARG A 63 -3.86 -5.16 -13.89
C ARG A 63 -4.62 -4.53 -12.73
N ALA A 64 -5.84 -4.09 -12.99
CA ALA A 64 -6.67 -3.54 -11.90
C ALA A 64 -7.24 -4.66 -11.01
N GLY A 65 -7.40 -5.86 -11.56
CA GLY A 65 -7.97 -6.97 -10.84
C GLY A 65 -9.46 -7.06 -11.11
N LEU A 66 -10.00 -6.02 -11.74
CA LEU A 66 -11.44 -5.84 -11.89
C LEU A 66 -11.73 -4.94 -13.11
N ALA A 67 -12.69 -5.35 -13.94
CA ALA A 67 -13.09 -4.54 -15.10
C ALA A 67 -14.60 -4.58 -15.26
N LYS A 68 -15.16 -3.51 -15.81
CA LYS A 68 -16.59 -3.45 -16.10
C LYS A 68 -16.81 -3.66 -17.58
N VAL A 69 -17.84 -4.42 -17.92
CA VAL A 69 -18.18 -4.59 -19.32
C VAL A 69 -19.65 -4.30 -19.49
N VAL A 70 -19.94 -3.24 -20.24
CA VAL A 70 -21.32 -2.86 -20.55
C VAL A 70 -21.71 -3.50 -21.86
N PRO A 71 -22.71 -4.39 -21.84
CA PRO A 71 -23.14 -5.08 -23.06
C PRO A 71 -23.91 -4.14 -23.99
N PRO A 72 -24.00 -4.49 -25.29
CA PRO A 72 -24.71 -3.62 -26.23
C PRO A 72 -26.17 -3.46 -25.82
N LYS A 73 -26.74 -2.25 -25.96
CA LYS A 73 -28.15 -1.99 -25.65
C LYS A 73 -29.08 -3.01 -26.31
N GLU A 74 -28.63 -3.51 -27.44
CA GLU A 74 -29.28 -4.56 -28.21
C GLU A 74 -29.57 -5.83 -27.39
N TRP A 75 -28.82 -6.03 -26.31
CA TRP A 75 -28.75 -7.34 -25.70
C TRP A 75 -29.59 -7.47 -24.42
N LYS A 76 -30.10 -8.67 -24.18
CA LYS A 76 -30.88 -8.98 -22.99
C LYS A 76 -30.87 -10.49 -22.76
N PRO A 77 -30.63 -10.91 -21.50
CA PRO A 77 -30.59 -12.33 -21.12
C PRO A 77 -31.96 -12.90 -20.76
N ARG A 78 -32.91 -12.01 -20.54
CA ARG A 78 -34.25 -12.42 -20.15
C ARG A 78 -35.21 -11.30 -20.52
N ALA A 79 -36.37 -11.67 -21.07
CA ALA A 79 -37.33 -10.65 -21.50
C ALA A 79 -37.96 -9.95 -20.31
N SER A 80 -38.33 -10.72 -19.29
CA SER A 80 -39.04 -10.20 -18.12
C SER A 80 -38.66 -10.87 -16.80
N TYR A 81 -38.56 -10.07 -15.74
CA TYR A 81 -38.33 -10.62 -14.39
C TYR A 81 -39.60 -10.62 -13.51
N ASP A 82 -40.77 -10.68 -14.15
CA ASP A 82 -42.03 -10.55 -13.43
C ASP A 82 -42.50 -11.88 -12.85
N ASP A 83 -41.83 -12.96 -13.22
CA ASP A 83 -42.25 -14.29 -12.84
C ASP A 83 -41.47 -14.92 -11.69
N ILE A 84 -40.68 -14.11 -10.97
CA ILE A 84 -39.71 -14.71 -10.05
C ILE A 84 -39.98 -14.50 -8.57
N ASP A 85 -41.09 -13.87 -8.22
CA ASP A 85 -41.35 -13.59 -6.80
C ASP A 85 -41.62 -14.87 -6.03
N ASP A 86 -41.86 -15.95 -6.75
CA ASP A 86 -42.05 -17.25 -6.12
C ASP A 86 -40.75 -18.02 -5.92
N LEU A 87 -39.67 -17.52 -6.50
CA LEU A 87 -38.39 -18.22 -6.41
C LEU A 87 -37.95 -18.33 -4.94
N VAL A 88 -37.56 -19.52 -4.53
CA VAL A 88 -37.12 -19.76 -3.15
C VAL A 88 -35.63 -19.42 -2.91
N ILE A 89 -35.36 -18.74 -1.80
CA ILE A 89 -34.02 -18.49 -1.28
C ILE A 89 -33.86 -19.39 -0.07
N PRO A 90 -33.25 -20.57 -0.24
CA PRO A 90 -33.24 -21.63 0.79
C PRO A 90 -32.46 -21.26 2.06
N ALA A 91 -31.43 -20.44 1.91
CA ALA A 91 -30.57 -20.13 3.05
C ALA A 91 -30.26 -18.64 3.09
N PRO A 92 -31.27 -17.81 3.42
CA PRO A 92 -30.97 -16.39 3.61
C PRO A 92 -29.98 -16.22 4.75
N ILE A 93 -29.11 -15.23 4.64
CA ILE A 93 -28.05 -15.04 5.61
C ILE A 93 -28.17 -13.67 6.27
N GLN A 94 -28.27 -13.62 7.59
CA GLN A 94 -28.20 -12.34 8.31
C GLN A 94 -26.74 -11.99 8.63
N GLN A 95 -26.32 -10.78 8.28
CA GLN A 95 -24.91 -10.42 8.37
C GLN A 95 -24.57 -9.61 9.60
N LEU A 96 -24.14 -10.29 10.67
CA LEU A 96 -23.71 -9.58 11.87
C LEU A 96 -22.26 -9.06 11.68
N VAL A 97 -22.05 -7.76 11.87
CA VAL A 97 -20.72 -7.19 11.71
C VAL A 97 -20.18 -6.55 13.00
N THR A 98 -18.98 -6.94 13.39
CA THR A 98 -18.32 -6.43 14.59
C THR A 98 -16.98 -5.79 14.26
N GLY A 99 -16.71 -4.64 14.85
CA GLY A 99 -15.45 -3.94 14.64
C GLY A 99 -15.50 -2.44 14.84
N GLN A 100 -14.41 -1.78 14.47
CA GLN A 100 -14.23 -0.34 14.69
C GLN A 100 -13.01 0.12 13.92
N SER A 101 -12.93 1.42 13.64
CA SER A 101 -11.74 2.01 13.02
C SER A 101 -11.43 1.36 11.68
N GLY A 102 -12.44 1.14 10.86
CA GLY A 102 -12.22 0.58 9.53
C GLY A 102 -11.88 -0.90 9.42
N LEU A 103 -11.86 -1.64 10.53
CA LEU A 103 -11.61 -3.08 10.49
C LEU A 103 -12.78 -3.86 11.06
N PHE A 104 -13.29 -4.81 10.31
CA PHE A 104 -14.46 -5.55 10.78
C PHE A 104 -14.42 -7.03 10.49
N THR A 105 -15.13 -7.79 11.30
CA THR A 105 -15.34 -9.20 11.02
C THR A 105 -16.84 -9.48 10.91
N GLN A 106 -17.23 -10.14 9.82
CA GLN A 106 -18.64 -10.41 9.54
C GLN A 106 -19.01 -11.84 9.89
N TYR A 107 -20.04 -11.98 10.71
CA TYR A 107 -20.54 -13.31 11.10
C TYR A 107 -21.87 -13.61 10.40
N ASN A 108 -22.00 -14.79 9.85
CA ASN A 108 -23.21 -15.16 9.12
C ASN A 108 -24.17 -15.95 9.98
N ILE A 109 -25.41 -15.47 10.06
CA ILE A 109 -26.45 -16.18 10.79
C ILE A 109 -27.50 -16.64 9.77
N GLN A 110 -27.57 -17.95 9.56
CA GLN A 110 -28.50 -18.46 8.57
C GLN A 110 -29.94 -18.35 9.07
N LYS A 111 -30.77 -17.74 8.24
CA LYS A 111 -32.18 -17.61 8.51
C LYS A 111 -32.91 -18.68 7.71
N LYS A 112 -34.21 -18.83 7.95
CA LYS A 112 -34.98 -19.87 7.29
C LYS A 112 -35.41 -19.40 5.91
N ALA A 113 -35.70 -20.36 5.05
CA ALA A 113 -35.98 -20.10 3.64
C ALA A 113 -37.07 -19.04 3.45
N MET A 114 -37.01 -18.34 2.34
CA MET A 114 -38.05 -17.37 2.03
C MET A 114 -38.05 -17.13 0.53
N THR A 115 -39.15 -16.58 0.03
CA THR A 115 -39.33 -16.29 -1.39
C THR A 115 -38.74 -14.94 -1.73
N VAL A 116 -38.47 -14.73 -3.01
CA VAL A 116 -38.06 -13.42 -3.47
C VAL A 116 -39.09 -12.37 -3.04
N ARG A 117 -40.37 -12.73 -3.11
CA ARG A 117 -41.42 -11.82 -2.70
C ARG A 117 -41.22 -11.42 -1.24
N GLU A 118 -41.08 -12.41 -0.38
CA GLU A 118 -40.86 -12.13 1.03
C GLU A 118 -39.59 -11.32 1.26
N PHE A 119 -38.51 -11.66 0.55
CA PHE A 119 -37.26 -10.94 0.69
C PHE A 119 -37.38 -9.48 0.24
N ARG A 120 -38.02 -9.26 -0.90
CA ARG A 120 -38.15 -7.91 -1.45
C ARG A 120 -38.90 -7.01 -0.47
N LYS A 121 -39.90 -7.60 0.18
CA LYS A 121 -40.73 -6.89 1.15
C LYS A 121 -39.90 -6.45 2.34
N ILE A 122 -39.14 -7.38 2.90
CA ILE A 122 -38.23 -7.03 3.98
C ILE A 122 -37.26 -5.94 3.52
N ALA A 123 -36.78 -6.07 2.30
CA ALA A 123 -35.72 -5.20 1.77
C ALA A 123 -36.16 -3.75 1.60
N ASN A 124 -37.39 -3.57 1.18
CA ASN A 124 -37.89 -2.23 0.87
C ASN A 124 -38.61 -1.61 2.06
N SER A 125 -38.71 -2.39 3.12
CA SER A 125 -39.38 -1.96 4.34
C SER A 125 -38.63 -0.78 4.94
N ASP A 126 -39.32 0.03 5.73
CA ASP A 126 -38.71 1.20 6.32
C ASP A 126 -37.45 0.86 7.12
N LYS A 127 -37.47 -0.28 7.82
CA LYS A 127 -36.34 -0.66 8.68
C LYS A 127 -35.05 -0.94 7.89
N TYR A 128 -35.19 -1.51 6.69
CA TYR A 128 -34.04 -2.04 5.96
C TYR A 128 -33.71 -1.31 4.68
N CYS A 129 -34.53 -0.33 4.29
CA CYS A 129 -34.38 0.24 2.95
C CYS A 129 -33.24 1.24 2.88
N THR A 130 -32.84 1.58 1.66
CA THR A 130 -31.80 2.58 1.41
C THR A 130 -32.12 3.93 2.04
N PRO A 131 -31.13 4.54 2.70
CA PRO A 131 -31.30 5.92 3.16
C PRO A 131 -31.14 6.91 2.02
N ARG A 132 -31.81 8.06 2.15
CA ARG A 132 -31.73 9.11 1.16
C ARG A 132 -30.33 9.71 1.17
N TYR A 133 -29.92 10.24 0.03
CA TYR A 133 -28.56 10.74 -0.14
C TYR A 133 -28.42 11.43 -1.48
N SER A 134 -27.39 12.26 -1.63
CA SER A 134 -27.10 12.93 -2.90
C SER A 134 -26.05 12.18 -3.73
N GLU A 135 -24.79 12.56 -3.56
CA GLU A 135 -23.68 11.94 -4.28
C GLU A 135 -23.32 10.56 -3.68
N PHE A 136 -22.64 9.73 -4.48
CA PHE A 136 -22.27 8.39 -4.04
C PHE A 136 -21.38 8.41 -2.79
N GLU A 137 -20.50 9.40 -2.71
CA GLU A 137 -19.57 9.47 -1.57
C GLU A 137 -20.32 9.52 -0.26
N GLU A 138 -21.50 10.13 -0.28
CA GLU A 138 -22.37 10.19 0.88
C GLU A 138 -22.92 8.81 1.24
N LEU A 139 -23.30 8.04 0.24
CA LEU A 139 -23.90 6.75 0.53
C LEU A 139 -22.80 5.80 1.04
N GLU A 140 -21.62 5.94 0.44
CA GLU A 140 -20.44 5.18 0.84
C GLU A 140 -20.07 5.46 2.29
N ARG A 141 -20.10 6.73 2.69
CA ARG A 141 -19.83 7.13 4.09
C ARG A 141 -20.81 6.52 5.06
N LYS A 142 -22.09 6.49 4.69
CA LYS A 142 -23.11 5.90 5.55
C LYS A 142 -22.95 4.39 5.66
N TYR A 143 -22.41 3.78 4.62
CA TYR A 143 -22.17 2.34 4.66
C TYR A 143 -21.14 2.05 5.75
N TRP A 144 -20.00 2.76 5.72
CA TRP A 144 -18.89 2.49 6.66
C TRP A 144 -19.20 2.95 8.10
N LYS A 145 -20.12 3.89 8.23
CA LYS A 145 -20.54 4.35 9.56
C LYS A 145 -21.62 3.45 10.20
N ASN A 146 -22.49 2.86 9.39
CA ASN A 146 -23.58 2.04 9.94
C ASN A 146 -23.44 0.54 9.73
N LEU A 147 -22.27 0.13 9.25
CA LEU A 147 -21.96 -1.26 8.95
C LEU A 147 -22.38 -2.23 10.05
N THR A 148 -22.16 -1.81 11.29
CA THR A 148 -22.33 -2.74 12.40
C THR A 148 -23.74 -2.71 12.99
N PHE A 149 -24.58 -1.79 12.50
CA PHE A 149 -25.94 -1.61 13.03
C PHE A 149 -27.00 -2.28 12.16
N ASN A 150 -28.13 -2.67 12.75
CA ASN A 150 -29.28 -3.17 11.99
C ASN A 150 -28.89 -4.24 10.94
N PRO A 151 -28.39 -5.38 11.40
CA PRO A 151 -27.85 -6.35 10.44
C PRO A 151 -28.86 -6.76 9.39
N PRO A 152 -28.51 -6.60 8.11
CA PRO A 152 -29.40 -6.89 6.99
C PRO A 152 -29.40 -8.36 6.63
N ILE A 153 -30.23 -8.75 5.66
CA ILE A 153 -30.24 -10.13 5.21
C ILE A 153 -29.82 -10.19 3.75
N TYR A 154 -28.89 -11.10 3.40
CA TYR A 154 -28.44 -11.28 2.01
C TYR A 154 -29.00 -12.60 1.53
N GLY A 155 -29.68 -12.61 0.38
CA GLY A 155 -30.15 -13.85 -0.20
C GLY A 155 -29.06 -14.43 -1.10
N ALA A 156 -28.02 -14.98 -0.46
CA ALA A 156 -26.79 -15.35 -1.17
C ALA A 156 -26.74 -16.83 -1.55
N ASP A 157 -25.88 -17.13 -2.52
CA ASP A 157 -25.58 -18.52 -2.92
C ASP A 157 -26.83 -19.31 -3.28
N VAL A 158 -27.68 -18.71 -4.10
CA VAL A 158 -28.85 -19.45 -4.56
C VAL A 158 -28.51 -20.12 -5.89
N ASN A 159 -28.54 -21.46 -5.90
CA ASN A 159 -28.24 -22.20 -7.10
C ASN A 159 -29.28 -21.89 -8.15
N GLY A 160 -28.86 -21.43 -9.32
CA GLY A 160 -29.79 -21.14 -10.39
C GLY A 160 -29.28 -20.10 -11.37
N THR A 161 -30.05 -19.88 -12.43
CA THR A 161 -29.74 -18.87 -13.43
C THR A 161 -31.01 -18.13 -13.86
N LEU A 162 -30.90 -16.86 -14.22
CA LEU A 162 -32.05 -16.15 -14.76
C LEU A 162 -31.89 -15.88 -16.26
N TYR A 163 -30.88 -16.49 -16.87
CA TYR A 163 -30.73 -16.46 -18.33
C TYR A 163 -31.80 -17.31 -19.03
N GLU A 164 -32.38 -16.78 -20.09
CA GLU A 164 -33.24 -17.58 -20.95
C GLU A 164 -32.39 -18.63 -21.67
N LYS A 165 -32.92 -19.84 -21.80
CA LYS A 165 -32.16 -21.01 -22.28
C LYS A 165 -31.50 -20.81 -23.66
N HIS A 166 -31.96 -19.83 -24.41
CA HIS A 166 -31.48 -19.61 -25.77
C HIS A 166 -30.39 -18.51 -25.90
N VAL A 167 -30.17 -17.74 -24.83
CA VAL A 167 -29.16 -16.68 -24.90
C VAL A 167 -27.76 -17.28 -25.02
N ASP A 168 -27.06 -17.02 -26.11
CA ASP A 168 -25.79 -17.67 -26.36
C ASP A 168 -24.59 -16.77 -26.11
N GLU A 169 -24.86 -15.52 -25.76
CA GLU A 169 -23.78 -14.57 -25.51
C GLU A 169 -23.60 -14.40 -24.01
N TRP A 170 -22.36 -14.60 -23.53
CA TRP A 170 -22.01 -14.36 -22.13
C TRP A 170 -22.99 -15.02 -21.18
N ASN A 171 -23.36 -16.25 -21.49
CA ASN A 171 -24.28 -17.00 -20.67
C ASN A 171 -23.55 -17.64 -19.50
N ILE A 172 -23.79 -17.12 -18.31
CA ILE A 172 -23.08 -17.53 -17.10
C ILE A 172 -23.27 -19.03 -16.84
N GLY A 173 -24.37 -19.60 -17.33
CA GLY A 173 -24.61 -21.02 -17.21
C GLY A 173 -23.69 -21.89 -18.07
N ARG A 174 -23.16 -21.33 -19.16
CA ARG A 174 -22.33 -22.13 -20.06
C ARG A 174 -21.36 -21.25 -20.85
N LEU A 175 -20.31 -20.79 -20.18
CA LEU A 175 -19.35 -19.86 -20.79
C LEU A 175 -18.34 -20.55 -21.71
N ARG A 176 -18.17 -21.86 -21.52
CA ARG A 176 -17.32 -22.70 -22.34
C ARG A 176 -15.82 -22.37 -22.28
N THR A 177 -15.32 -21.97 -21.11
CA THR A 177 -13.89 -21.77 -20.95
C THR A 177 -13.25 -23.09 -20.54
N ILE A 178 -11.93 -23.11 -20.41
CA ILE A 178 -11.23 -24.33 -20.02
C ILE A 178 -11.50 -24.74 -18.56
N LEU A 179 -12.26 -23.95 -17.81
CA LEU A 179 -12.68 -24.40 -16.47
C LEU A 179 -13.56 -25.65 -16.61
N ASP A 180 -14.21 -25.77 -17.78
CA ASP A 180 -15.04 -26.93 -18.10
C ASP A 180 -14.26 -28.23 -18.02
N LEU A 181 -12.93 -28.17 -18.04
CA LEU A 181 -12.12 -29.37 -17.95
C LEU A 181 -12.33 -30.10 -16.62
N VAL A 182 -12.65 -29.38 -15.57
CA VAL A 182 -12.84 -30.02 -14.27
C VAL A 182 -14.02 -31.01 -14.29
N GLU A 183 -15.19 -30.55 -14.70
CA GLU A 183 -16.35 -31.42 -14.74
C GLU A 183 -16.14 -32.51 -15.81
N LYS A 184 -15.58 -32.11 -16.94
CA LYS A 184 -15.39 -33.01 -18.07
C LYS A 184 -14.52 -34.19 -17.67
N GLU A 185 -13.45 -33.89 -16.94
CA GLU A 185 -12.52 -34.92 -16.49
C GLU A 185 -13.00 -35.77 -15.30
N SER A 186 -13.72 -35.17 -14.36
CA SER A 186 -13.94 -35.83 -13.08
C SER A 186 -15.42 -35.95 -12.72
N GLY A 187 -16.27 -35.29 -13.49
CA GLY A 187 -17.69 -35.22 -13.18
C GLY A 187 -18.02 -34.31 -12.01
N ILE A 188 -17.00 -33.71 -11.40
CA ILE A 188 -17.20 -32.90 -10.22
C ILE A 188 -17.79 -31.52 -10.52
N THR A 189 -18.86 -31.19 -9.81
CA THR A 189 -19.42 -29.86 -9.87
C THR A 189 -19.21 -29.20 -8.52
N ILE A 190 -18.92 -27.92 -8.58
CA ILE A 190 -18.62 -27.11 -7.39
C ILE A 190 -19.53 -25.88 -7.44
N GLU A 191 -20.51 -25.84 -6.52
CA GLU A 191 -21.58 -24.84 -6.57
C GLU A 191 -21.07 -23.41 -6.61
N GLY A 192 -21.48 -22.65 -7.61
CA GLY A 192 -21.04 -21.27 -7.76
C GLY A 192 -19.69 -21.09 -8.43
N VAL A 193 -18.93 -22.16 -8.54
CA VAL A 193 -17.61 -22.10 -9.14
C VAL A 193 -17.68 -22.56 -10.60
N ASN A 194 -18.16 -23.77 -10.85
CA ASN A 194 -18.46 -24.14 -12.23
C ASN A 194 -19.97 -24.39 -12.42
N THR A 195 -20.78 -23.78 -11.56
CA THR A 195 -22.23 -23.69 -11.70
C THR A 195 -22.65 -22.25 -11.30
N PRO A 196 -23.85 -21.79 -11.72
CA PRO A 196 -24.21 -20.38 -11.44
C PRO A 196 -24.83 -20.16 -10.07
N TYR A 197 -24.58 -18.97 -9.51
CA TYR A 197 -25.15 -18.53 -8.24
C TYR A 197 -25.97 -17.27 -8.44
N LEU A 198 -27.09 -17.17 -7.75
CA LEU A 198 -27.84 -15.91 -7.72
C LEU A 198 -27.68 -15.27 -6.34
N TYR A 199 -27.56 -13.95 -6.32
CA TYR A 199 -27.44 -13.18 -5.08
C TYR A 199 -28.51 -12.08 -5.02
N PHE A 200 -29.46 -12.22 -4.11
CA PHE A 200 -30.44 -11.14 -3.87
C PHE A 200 -29.98 -10.21 -2.76
N GLY A 201 -29.69 -8.96 -3.11
CA GLY A 201 -29.19 -8.00 -2.15
C GLY A 201 -30.25 -7.11 -1.52
N MET A 202 -29.86 -6.43 -0.45
CA MET A 202 -30.58 -5.29 0.12
C MET A 202 -29.51 -4.35 0.60
N TRP A 203 -29.90 -3.12 0.94
CA TRP A 203 -28.98 -2.09 1.41
C TRP A 203 -28.04 -2.64 2.50
N LYS A 204 -26.76 -2.32 2.38
CA LYS A 204 -25.79 -2.56 3.43
C LYS A 204 -25.42 -4.06 3.53
N THR A 205 -25.87 -4.90 2.59
CA THR A 205 -25.34 -6.27 2.52
C THR A 205 -23.98 -6.21 1.83
N SER A 206 -23.05 -7.05 2.30
CA SER A 206 -21.63 -6.92 1.95
C SER A 206 -20.99 -8.19 1.39
N PHE A 207 -19.94 -8.00 0.60
CA PHE A 207 -19.04 -9.12 0.33
C PHE A 207 -17.63 -8.69 0.76
N ALA A 208 -17.03 -9.51 1.62
CA ALA A 208 -15.75 -9.24 2.24
C ALA A 208 -14.58 -9.30 1.27
N TRP A 209 -13.42 -8.78 1.67
CA TRP A 209 -12.22 -8.85 0.86
C TRP A 209 -11.83 -10.30 0.55
N HIS A 210 -11.64 -10.61 -0.72
CA HIS A 210 -11.26 -11.95 -1.15
C HIS A 210 -10.80 -12.01 -2.60
N THR A 211 -10.04 -13.05 -2.92
CA THR A 211 -9.92 -13.48 -4.30
C THR A 211 -10.80 -14.70 -4.46
N GLU A 212 -11.00 -15.13 -5.71
CA GLU A 212 -11.86 -16.27 -5.98
C GLU A 212 -11.18 -17.57 -5.56
N ASP A 213 -11.98 -18.63 -5.40
CA ASP A 213 -11.41 -19.96 -5.12
C ASP A 213 -10.37 -20.33 -6.18
N MET A 214 -9.25 -20.89 -5.73
CA MET A 214 -8.14 -21.29 -6.63
C MET A 214 -7.62 -20.10 -7.43
N ASP A 215 -7.92 -18.90 -6.95
CA ASP A 215 -7.57 -17.65 -7.61
C ASP A 215 -8.04 -17.61 -9.06
N LEU A 216 -9.27 -18.06 -9.30
CA LEU A 216 -9.88 -18.02 -10.63
C LEU A 216 -10.40 -16.63 -11.01
N TYR A 217 -10.88 -16.50 -12.25
CA TYR A 217 -11.67 -15.35 -12.68
C TYR A 217 -13.08 -15.49 -12.14
N SER A 218 -13.81 -14.39 -12.08
CA SER A 218 -15.23 -14.52 -11.87
C SER A 218 -15.94 -13.56 -12.82
N ILE A 219 -17.20 -13.83 -13.10
CA ILE A 219 -18.05 -12.94 -13.87
C ILE A 219 -19.29 -12.67 -13.04
N ASN A 220 -19.73 -11.42 -12.99
CA ASN A 220 -20.87 -11.03 -12.17
C ASN A 220 -21.81 -10.17 -13.01
N TYR A 221 -23.07 -10.57 -13.08
CA TYR A 221 -24.05 -9.82 -13.88
C TYR A 221 -25.17 -9.28 -13.00
N LEU A 222 -25.38 -7.97 -13.02
CA LEU A 222 -26.45 -7.41 -12.20
C LEU A 222 -27.74 -7.35 -13.00
N HIS A 223 -28.58 -8.36 -12.81
CA HIS A 223 -29.85 -8.50 -13.55
C HIS A 223 -30.74 -7.27 -13.38
N PHE A 224 -31.07 -6.93 -12.13
CA PHE A 224 -31.94 -5.78 -11.88
C PHE A 224 -31.75 -5.19 -10.47
N GLY A 225 -32.17 -3.94 -10.29
CA GLY A 225 -32.28 -3.37 -8.97
C GLY A 225 -31.28 -2.27 -8.72
N GLU A 226 -31.10 -1.93 -7.45
CA GLU A 226 -30.17 -0.88 -7.07
C GLU A 226 -28.70 -1.26 -7.34
N PRO A 227 -27.79 -0.29 -7.38
CA PRO A 227 -26.41 -0.62 -7.73
C PRO A 227 -25.64 -1.52 -6.74
N LYS A 228 -24.45 -1.96 -7.18
CA LYS A 228 -23.52 -2.73 -6.36
C LYS A 228 -22.17 -2.04 -6.50
N SER A 229 -21.59 -1.62 -5.39
CA SER A 229 -20.31 -0.93 -5.46
C SER A 229 -19.18 -1.86 -5.05
N TRP A 230 -18.03 -1.65 -5.67
CA TRP A 230 -16.91 -2.57 -5.59
C TRP A 230 -15.68 -1.81 -5.17
N TYR A 231 -14.81 -2.50 -4.43
CA TYR A 231 -13.42 -2.04 -4.24
C TYR A 231 -12.50 -3.08 -4.83
N SER A 232 -11.36 -2.68 -5.39
CA SER A 232 -10.44 -3.63 -5.99
CA SER A 232 -10.45 -3.67 -5.92
C SER A 232 -9.01 -3.29 -5.61
N VAL A 233 -8.18 -4.32 -5.47
CA VAL A 233 -6.74 -4.12 -5.26
C VAL A 233 -6.01 -4.88 -6.38
N PRO A 234 -5.11 -4.20 -7.10
CA PRO A 234 -4.31 -4.83 -8.17
C PRO A 234 -3.59 -6.12 -7.72
N PRO A 235 -3.67 -7.18 -8.54
CA PRO A 235 -2.96 -8.43 -8.23
C PRO A 235 -1.49 -8.17 -7.86
N GLU A 236 -0.85 -7.24 -8.55
CA GLU A 236 0.57 -7.00 -8.32
C GLU A 236 0.80 -6.36 -6.94
N HIS A 237 -0.26 -5.88 -6.31
CA HIS A 237 -0.16 -5.44 -4.92
C HIS A 237 -0.95 -6.33 -3.93
N GLY A 238 -1.50 -7.45 -4.39
CA GLY A 238 -2.25 -8.35 -3.53
C GLY A 238 -1.51 -8.73 -2.26
N LYS A 239 -0.22 -9.01 -2.40
CA LYS A 239 0.58 -9.50 -1.28
C LYS A 239 0.66 -8.45 -0.18
N ARG A 240 0.70 -7.17 -0.57
CA ARG A 240 0.72 -6.09 0.38
CA ARG A 240 0.71 -6.06 0.37
C ARG A 240 -0.55 -6.05 1.23
N LEU A 241 -1.70 -6.28 0.59
CA LEU A 241 -2.97 -6.36 1.31
C LEU A 241 -2.95 -7.52 2.31
N GLU A 242 -2.41 -8.66 1.89
CA GLU A 242 -2.36 -9.81 2.80
C GLU A 242 -1.49 -9.52 4.03
N ARG A 243 -0.39 -8.81 3.81
CA ARG A 243 0.54 -8.51 4.91
C ARG A 243 -0.14 -7.62 5.92
N LEU A 244 -0.84 -6.61 5.43
CA LEU A 244 -1.67 -5.75 6.27
C LEU A 244 -2.72 -6.57 7.03
N ALA A 245 -3.42 -7.43 6.30
CA ALA A 245 -4.50 -8.21 6.92
C ALA A 245 -3.95 -9.10 8.03
N LYS A 246 -2.82 -9.76 7.78
CA LYS A 246 -2.17 -10.60 8.80
C LYS A 246 -1.75 -9.79 10.03
N GLY A 247 -1.34 -8.55 9.81
CA GLY A 247 -0.95 -7.68 10.91
C GLY A 247 -2.14 -7.28 11.76
N PHE A 248 -3.26 -7.02 11.10
CA PHE A 248 -4.45 -6.61 11.84
C PHE A 248 -5.17 -7.77 12.49
N PHE A 249 -5.02 -8.97 11.93
CA PHE A 249 -5.67 -10.14 12.51
C PHE A 249 -4.68 -11.29 12.79
N PRO A 250 -3.80 -11.10 13.79
CA PRO A 250 -2.73 -12.08 14.00
C PRO A 250 -3.25 -13.44 14.45
N GLY A 251 -4.34 -13.44 15.22
CA GLY A 251 -4.96 -14.69 15.64
C GLY A 251 -5.45 -15.49 14.46
N SER A 252 -6.20 -14.85 13.57
CA SER A 252 -6.70 -15.52 12.38
C SER A 252 -5.57 -16.00 11.48
N ALA A 253 -4.52 -15.19 11.37
CA ALA A 253 -3.40 -15.54 10.49
C ALA A 253 -2.64 -16.75 11.03
N GLN A 254 -2.59 -16.87 12.35
CA GLN A 254 -1.93 -18.00 12.97
C GLN A 254 -2.73 -19.32 12.77
N SER A 255 -4.06 -19.26 12.73
CA SER A 255 -4.88 -20.48 12.61
C SER A 255 -5.11 -20.97 11.17
N CYS A 256 -4.85 -20.12 10.19
CA CYS A 256 -5.13 -20.48 8.82
C CYS A 256 -4.12 -19.80 7.88
N GLU A 257 -3.68 -20.53 6.87
CA GLU A 257 -2.65 -20.01 5.97
C GLU A 257 -3.25 -19.08 4.94
N ALA A 258 -4.57 -19.00 4.91
CA ALA A 258 -5.26 -18.15 3.94
C ALA A 258 -6.60 -17.64 4.50
N PHE A 259 -6.54 -16.95 5.65
CA PHE A 259 -7.78 -16.71 6.37
C PHE A 259 -8.73 -15.74 5.61
N LEU A 260 -8.22 -14.98 4.63
CA LEU A 260 -9.10 -14.09 3.87
C LEU A 260 -10.10 -14.92 3.04
N ARG A 261 -9.79 -16.18 2.78
CA ARG A 261 -10.72 -17.05 2.04
C ARG A 261 -11.97 -17.39 2.85
N HIS A 262 -11.95 -17.12 4.17
CA HIS A 262 -13.17 -17.28 4.94
C HIS A 262 -14.20 -16.21 4.53
N LYS A 263 -13.75 -15.15 3.86
CA LYS A 263 -14.63 -14.08 3.39
C LYS A 263 -15.44 -13.47 4.52
N MET A 264 -14.76 -13.16 5.62
CA MET A 264 -15.37 -12.55 6.77
C MET A 264 -14.77 -11.20 7.12
N THR A 265 -13.78 -10.76 6.35
CA THR A 265 -12.94 -9.60 6.74
C THR A 265 -13.22 -8.36 5.91
N LEU A 266 -13.71 -7.32 6.56
CA LEU A 266 -14.06 -6.08 5.88
C LEU A 266 -13.06 -5.03 6.25
N ILE A 267 -12.55 -4.30 5.27
CA ILE A 267 -11.53 -3.29 5.51
C ILE A 267 -11.86 -2.05 4.67
N SER A 268 -12.10 -0.90 5.32
CA SER A 268 -12.55 0.31 4.61
C SER A 268 -11.48 0.93 3.73
N PRO A 269 -11.89 1.72 2.75
CA PRO A 269 -10.90 2.35 1.87
C PRO A 269 -10.00 3.35 2.61
N LEU A 270 -10.48 3.99 3.68
CA LEU A 270 -9.62 4.90 4.46
C LEU A 270 -8.45 4.15 5.11
N MET A 271 -8.73 2.94 5.61
CA MET A 271 -7.70 2.10 6.21
C MET A 271 -6.69 1.69 5.15
N LEU A 272 -7.16 1.27 3.97
CA LEU A 272 -6.23 0.93 2.89
C LEU A 272 -5.37 2.14 2.56
N LYS A 273 -5.99 3.31 2.53
CA LYS A 273 -5.31 4.54 2.19
C LYS A 273 -4.25 4.87 3.27
N LYS A 274 -4.62 4.68 4.54
CA LYS A 274 -3.70 4.94 5.65
C LYS A 274 -2.44 4.08 5.56
N TYR A 275 -2.56 2.87 5.02
CA TYR A 275 -1.38 2.02 4.93
C TYR A 275 -0.82 1.83 3.53
N GLY A 276 -1.06 2.78 2.64
CA GLY A 276 -0.40 2.75 1.35
C GLY A 276 -0.73 1.57 0.44
N ILE A 277 -1.88 0.95 0.63
CA ILE A 277 -2.35 -0.06 -0.33
C ILE A 277 -3.06 0.56 -1.54
N PRO A 278 -2.54 0.33 -2.74
CA PRO A 278 -3.23 0.82 -3.94
C PRO A 278 -4.56 0.14 -4.14
N PHE A 279 -5.60 0.89 -4.50
CA PHE A 279 -6.91 0.32 -4.74
C PHE A 279 -7.74 1.25 -5.62
N ASP A 280 -8.80 0.71 -6.20
CA ASP A 280 -9.72 1.49 -7.00
C ASP A 280 -11.17 1.15 -6.64
N LYS A 281 -12.12 2.03 -6.98
CA LYS A 281 -13.54 1.79 -6.72
C LYS A 281 -14.32 1.87 -8.01
N VAL A 282 -15.42 1.14 -8.08
CA VAL A 282 -16.32 1.24 -9.22
C VAL A 282 -17.69 0.86 -8.73
N THR A 283 -18.71 1.45 -9.34
CA THR A 283 -20.09 1.13 -9.03
C THR A 283 -20.76 0.47 -10.21
N GLN A 284 -21.39 -0.68 -9.95
CA GLN A 284 -22.00 -1.51 -10.97
C GLN A 284 -23.51 -1.24 -11.03
N GLU A 285 -24.02 -0.96 -12.22
CA GLU A 285 -25.46 -0.68 -12.41
C GLU A 285 -26.15 -1.90 -13.01
N ALA A 286 -27.47 -1.99 -12.85
CA ALA A 286 -28.24 -3.05 -13.45
C ALA A 286 -27.96 -3.13 -14.95
N GLY A 287 -27.87 -4.34 -15.47
CA GLY A 287 -27.47 -4.56 -16.86
C GLY A 287 -25.98 -4.49 -17.15
N GLU A 288 -25.12 -4.40 -16.13
CA GLU A 288 -23.68 -4.36 -16.38
C GLU A 288 -22.92 -5.61 -15.89
N PHE A 289 -21.80 -5.92 -16.55
CA PHE A 289 -20.96 -7.06 -16.16
C PHE A 289 -19.74 -6.57 -15.39
N MET A 290 -19.36 -7.31 -14.36
CA MET A 290 -18.06 -7.12 -13.72
C MET A 290 -17.26 -8.42 -13.88
N ILE A 291 -16.00 -8.27 -14.26
CA ILE A 291 -15.06 -9.36 -14.41
C ILE A 291 -13.98 -9.21 -13.34
N THR A 292 -13.77 -10.22 -12.51
CA THR A 292 -12.59 -10.17 -11.64
C THR A 292 -11.52 -11.10 -12.22
N PHE A 293 -10.24 -10.77 -11.99
CA PHE A 293 -9.09 -11.44 -12.61
C PHE A 293 -8.30 -12.23 -11.56
N PRO A 294 -7.53 -13.26 -11.99
CA PRO A 294 -6.86 -14.11 -10.98
C PRO A 294 -6.04 -13.31 -9.97
N TYR A 295 -6.16 -13.68 -8.69
CA TYR A 295 -5.50 -12.99 -7.60
C TYR A 295 -5.89 -11.51 -7.45
N GLY A 296 -7.06 -11.15 -7.97
CA GLY A 296 -7.56 -9.80 -7.78
C GLY A 296 -8.45 -9.68 -6.56
N TYR A 297 -7.93 -9.12 -5.47
CA TYR A 297 -8.74 -8.91 -4.26
C TYR A 297 -9.84 -7.89 -4.49
N HIS A 298 -11.07 -8.24 -4.10
CA HIS A 298 -12.20 -7.32 -4.16
C HIS A 298 -13.10 -7.47 -2.95
N ALA A 299 -13.91 -6.44 -2.74
CA ALA A 299 -14.93 -6.36 -1.70
C ALA A 299 -15.95 -5.34 -2.14
N GLY A 300 -17.09 -5.27 -1.46
CA GLY A 300 -18.07 -4.24 -1.74
C GLY A 300 -19.37 -4.41 -1.00
N PHE A 301 -20.41 -3.69 -1.47
CA PHE A 301 -21.72 -3.74 -0.86
C PHE A 301 -22.86 -3.44 -1.85
N ASN A 302 -24.08 -3.83 -1.49
CA ASN A 302 -25.25 -3.46 -2.29
C ASN A 302 -25.96 -2.20 -1.78
N HIS A 303 -26.46 -1.37 -2.71
CA HIS A 303 -27.12 -0.10 -2.40
C HIS A 303 -28.56 -0.31 -1.94
N GLY A 304 -29.17 -1.38 -2.39
CA GLY A 304 -30.55 -1.69 -2.02
C GLY A 304 -30.98 -2.98 -2.68
N PHE A 305 -32.29 -3.19 -2.80
CA PHE A 305 -32.79 -4.41 -3.42
C PHE A 305 -32.20 -4.60 -4.81
N ASN A 306 -31.65 -5.80 -5.06
CA ASN A 306 -31.12 -6.15 -6.39
C ASN A 306 -30.89 -7.64 -6.51
N CYS A 307 -30.41 -8.04 -7.68
CA CYS A 307 -30.18 -9.45 -7.97
C CYS A 307 -29.03 -9.59 -8.94
N ALA A 308 -28.05 -10.41 -8.55
CA ALA A 308 -26.85 -10.63 -9.35
C ALA A 308 -26.63 -12.10 -9.60
N GLU A 309 -26.08 -12.40 -10.76
CA GLU A 309 -25.75 -13.77 -11.08
C GLU A 309 -24.25 -13.88 -11.36
N SER A 310 -23.63 -14.94 -10.85
CA SER A 310 -22.19 -15.07 -11.04
C SER A 310 -21.67 -16.51 -11.03
N THR A 311 -20.48 -16.68 -11.58
CA THR A 311 -19.79 -17.95 -11.56
C THR A 311 -18.31 -17.67 -11.76
N ASN A 312 -17.46 -18.70 -11.63
CA ASN A 312 -16.05 -18.54 -11.96
C ASN A 312 -15.73 -19.00 -13.37
N PHE A 313 -14.55 -18.63 -13.87
CA PHE A 313 -14.08 -19.18 -15.12
C PHE A 313 -12.57 -19.09 -15.20
N ALA A 314 -12.00 -19.69 -16.23
CA ALA A 314 -10.55 -19.71 -16.40
C ALA A 314 -10.13 -19.31 -17.81
N THR A 315 -8.84 -18.98 -17.93
CA THR A 315 -8.12 -18.84 -19.19
C THR A 315 -6.83 -19.60 -19.03
N ARG A 316 -6.03 -19.70 -20.09
CA ARG A 316 -4.75 -20.42 -20.00
C ARG A 316 -3.83 -19.77 -18.98
N ARG A 317 -3.91 -18.45 -18.85
CA ARG A 317 -3.10 -17.68 -17.88
C ARG A 317 -3.40 -18.07 -16.44
N TRP A 318 -4.66 -18.42 -16.16
CA TRP A 318 -5.07 -18.78 -14.81
C TRP A 318 -4.30 -19.98 -14.26
N ILE A 319 -3.86 -20.87 -15.14
CA ILE A 319 -3.32 -22.16 -14.72
C ILE A 319 -2.17 -21.99 -13.75
N GLU A 320 -1.28 -21.07 -14.04
CA GLU A 320 -0.13 -20.88 -13.16
C GLU A 320 -0.59 -20.34 -11.81
N TYR A 321 -1.57 -19.45 -11.84
CA TYR A 321 -2.23 -18.98 -10.63
C TYR A 321 -2.82 -20.14 -9.83
N GLY A 322 -3.50 -21.05 -10.53
CA GLY A 322 -4.08 -22.23 -9.89
C GLY A 322 -3.04 -23.11 -9.24
N LYS A 323 -1.92 -23.32 -9.94
CA LYS A 323 -0.83 -24.12 -9.39
C LYS A 323 -0.28 -23.51 -8.11
N GLN A 324 -0.31 -22.18 -7.99
CA GLN A 324 0.37 -21.52 -6.87
C GLN A 324 -0.59 -20.95 -5.84
N ALA A 325 -1.90 -21.11 -6.03
CA ALA A 325 -2.87 -20.56 -5.08
C ALA A 325 -2.62 -21.07 -3.67
N VAL A 326 -2.65 -20.17 -2.69
CA VAL A 326 -2.49 -20.54 -1.29
C VAL A 326 -3.89 -20.70 -0.67
N LEU A 327 -4.20 -21.94 -0.24
CA LEU A 327 -5.56 -22.30 0.16
C LEU A 327 -5.76 -22.31 1.67
N CYS A 328 -7.03 -22.21 2.05
CA CYS A 328 -7.44 -22.31 3.45
C CYS A 328 -6.98 -23.63 4.06
N SER A 329 -6.28 -23.55 5.19
CA SER A 329 -5.71 -24.75 5.79
C SER A 329 -6.51 -25.27 6.98
N CYS A 330 -7.63 -24.62 7.29
CA CYS A 330 -8.30 -24.91 8.54
C CYS A 330 -9.70 -25.49 8.40
N ARG A 331 -10.16 -25.75 7.17
CA ARG A 331 -11.47 -26.36 6.96
C ARG A 331 -11.41 -27.49 5.94
N LYS A 332 -12.14 -28.56 6.19
CA LYS A 332 -12.22 -29.69 5.26
C LYS A 332 -13.04 -29.33 4.01
N ASP A 333 -14.14 -28.62 4.21
CA ASP A 333 -15.11 -28.37 3.14
C ASP A 333 -14.75 -27.19 2.22
N MET A 334 -13.46 -26.86 2.13
CA MET A 334 -13.04 -25.73 1.31
C MET A 334 -12.79 -26.19 -0.13
N VAL A 335 -12.84 -25.24 -1.06
CA VAL A 335 -12.77 -25.56 -2.48
C VAL A 335 -11.34 -25.77 -2.96
N LYS A 336 -11.11 -26.95 -3.54
CA LYS A 336 -9.79 -27.33 -4.03
C LYS A 336 -9.92 -28.11 -5.34
N ILE A 337 -9.39 -27.52 -6.41
CA ILE A 337 -9.44 -28.11 -7.73
C ILE A 337 -8.07 -28.73 -8.04
N SER A 338 -8.06 -30.00 -8.44
CA SER A 338 -6.84 -30.67 -8.86
C SER A 338 -6.28 -30.05 -10.14
N MET A 339 -5.04 -29.57 -10.09
CA MET A 339 -4.43 -28.88 -11.22
C MET A 339 -3.86 -29.84 -12.28
N ASP A 340 -3.77 -31.11 -11.91
CA ASP A 340 -3.10 -32.12 -12.71
C ASP A 340 -3.49 -32.12 -14.20
N VAL A 341 -4.79 -32.16 -14.48
CA VAL A 341 -5.27 -32.19 -15.85
C VAL A 341 -4.88 -30.92 -16.62
N PHE A 342 -4.74 -29.80 -15.92
CA PHE A 342 -4.37 -28.56 -16.60
C PHE A 342 -2.89 -28.53 -16.94
N VAL A 343 -2.07 -29.05 -16.04
CA VAL A 343 -0.62 -29.03 -16.29
C VAL A 343 -0.27 -30.04 -17.39
N ARG A 344 -0.90 -31.21 -17.38
CA ARG A 344 -0.65 -32.19 -18.43
C ARG A 344 -1.00 -31.65 -19.81
N LYS A 345 -2.19 -31.07 -19.93
CA LYS A 345 -2.70 -30.68 -21.23
C LYS A 345 -2.16 -29.35 -21.75
N PHE A 346 -1.84 -28.41 -20.86
CA PHE A 346 -1.41 -27.08 -21.31
C PHE A 346 0.04 -26.73 -20.94
N GLN A 347 0.67 -27.52 -20.09
CA GLN A 347 2.08 -27.32 -19.78
C GLN A 347 2.86 -28.64 -19.76
N PRO A 348 2.77 -29.44 -20.85
CA PRO A 348 3.30 -30.81 -20.81
C PRO A 348 4.80 -30.86 -20.54
N GLU A 349 5.55 -29.88 -21.01
CA GLU A 349 6.99 -29.86 -20.77
C GLU A 349 7.34 -29.64 -19.30
N ARG A 350 6.38 -29.14 -18.51
CA ARG A 350 6.68 -28.80 -17.11
C ARG A 350 6.09 -29.81 -16.12
N TYR A 351 5.29 -30.75 -16.64
CA TYR A 351 4.56 -31.70 -15.78
C TYR A 351 5.48 -32.49 -14.84
N LYS A 352 6.54 -33.11 -15.38
CA LYS A 352 7.50 -33.85 -14.56
C LYS A 352 8.11 -32.94 -13.50
N LEU A 353 8.59 -31.78 -13.92
CA LEU A 353 9.21 -30.83 -12.99
C LEU A 353 8.24 -30.44 -11.87
N TRP A 354 7.00 -30.18 -12.26
CA TRP A 354 5.97 -29.74 -11.33
C TRP A 354 5.61 -30.83 -10.32
N LYS A 355 5.45 -32.04 -10.83
CA LYS A 355 5.06 -33.18 -10.00
C LYS A 355 6.17 -33.52 -9.01
N ALA A 356 7.41 -33.18 -9.36
CA ALA A 356 8.53 -33.39 -8.47
C ALA A 356 8.79 -32.13 -7.65
N GLY A 357 7.80 -31.25 -7.56
CA GLY A 357 7.90 -30.03 -6.76
C GLY A 357 9.04 -29.08 -7.11
N LYS A 358 9.58 -29.16 -8.33
CA LYS A 358 10.73 -28.35 -8.69
C LYS A 358 10.41 -27.28 -9.74
N ASP A 359 9.12 -27.06 -10.00
CA ASP A 359 8.69 -26.01 -10.94
C ASP A 359 8.66 -24.63 -10.24
N ASN A 360 9.69 -23.83 -10.47
CA ASN A 360 9.82 -22.53 -9.80
C ASN A 360 9.35 -21.33 -10.63
N THR A 361 8.48 -21.56 -11.60
CA THR A 361 7.91 -20.48 -12.43
C THR A 361 7.42 -19.32 -11.56
N VAL A 362 7.78 -18.09 -11.96
CA VAL A 362 7.39 -16.91 -11.20
C VAL A 362 6.32 -16.20 -12.00
N ILE A 363 5.22 -15.82 -11.35
CA ILE A 363 4.12 -15.16 -12.06
C ILE A 363 4.34 -13.65 -12.28
N ASP A 364 4.19 -13.23 -13.53
CA ASP A 364 4.19 -11.82 -13.90
C ASP A 364 2.74 -11.36 -14.06
N HIS A 365 2.28 -10.58 -13.10
CA HIS A 365 0.88 -10.17 -13.06
C HIS A 365 0.48 -9.24 -14.21
N THR A 366 1.47 -8.69 -14.93
CA THR A 366 1.18 -7.73 -16.00
C THR A 366 0.87 -8.39 -17.34
N LEU A 367 1.45 -9.57 -17.59
CA LEU A 367 1.25 -10.23 -18.88
C LEU A 367 -0.20 -10.66 -19.14
N PRO A 368 -0.70 -10.40 -20.36
CA PRO A 368 -2.00 -10.93 -20.80
C PRO A 368 -1.98 -12.44 -21.11
N THR A 369 -3.14 -13.09 -21.03
CA THR A 369 -3.27 -14.53 -21.30
C THR A 369 -2.79 -14.82 -22.72
N PRO A 370 -2.18 -15.99 -22.94
CA PRO A 370 -1.66 -16.37 -24.27
C PRO A 370 -2.70 -16.28 -25.39
N GLU A 371 -4.00 -16.49 -25.11
CA GLU A 371 -5.04 -16.41 -26.16
C GLU A 371 -5.09 -15.01 -26.80
N ALA A 372 -4.48 -14.03 -26.13
CA ALA A 372 -4.51 -12.65 -26.59
C ALA A 372 -3.56 -12.36 -27.74
N ALA A 373 -2.78 -13.35 -28.17
CA ALA A 373 -1.75 -13.18 -29.20
C ALA A 373 -2.26 -12.38 -30.40
N GLU A 374 -3.44 -12.72 -30.88
CA GLU A 374 -4.01 -12.11 -32.09
C GLU A 374 -4.36 -10.62 -31.96
N PHE A 375 -4.12 -10.03 -30.79
CA PHE A 375 -4.30 -8.58 -30.58
C PHE A 375 -2.97 -7.88 -30.26
N LEU B 30 6.07 -7.42 13.88
CA LEU B 30 5.22 -6.44 14.57
C LEU B 30 3.93 -6.01 13.86
N ASN B 31 3.14 -5.24 14.60
CA ASN B 31 1.77 -4.90 14.22
C ASN B 31 1.67 -3.52 13.57
N PRO B 32 0.52 -3.23 12.89
CA PRO B 32 0.35 -1.98 12.14
C PRO B 32 0.36 -0.70 12.97
N SER B 33 0.18 -0.81 14.28
CA SER B 33 0.30 0.39 15.11
C SER B 33 1.75 0.85 15.18
N ALA B 34 2.68 0.00 14.69
CA ALA B 34 4.07 0.43 14.43
C ALA B 34 4.45 0.34 12.96
N ARG B 35 3.46 0.32 12.06
CA ARG B 35 3.79 0.31 10.63
C ARG B 35 3.65 1.70 10.00
N ILE B 36 4.45 1.95 8.97
CA ILE B 36 4.50 3.26 8.35
C ILE B 36 3.12 3.66 7.83
N MET B 37 2.60 4.79 8.29
CA MET B 37 1.31 5.31 7.84
C MET B 37 1.42 6.44 6.82
N THR B 38 0.38 6.60 6.00
CA THR B 38 0.32 7.65 4.99
C THR B 38 -0.90 8.51 5.26
N PHE B 39 -0.73 9.83 5.15
CA PHE B 39 -1.80 10.78 5.49
C PHE B 39 -2.08 11.72 4.32
N TYR B 40 -3.34 12.15 4.19
CA TYR B 40 -3.73 12.96 3.04
C TYR B 40 -4.47 14.22 3.49
N PRO B 41 -3.73 15.19 4.06
CA PRO B 41 -4.39 16.40 4.57
C PRO B 41 -5.10 17.20 3.48
N THR B 42 -6.22 17.83 3.86
CA THR B 42 -6.82 18.87 3.06
C THR B 42 -5.97 20.12 3.12
N MET B 43 -6.42 21.14 2.43
CA MET B 43 -5.58 22.33 2.32
C MET B 43 -5.70 23.11 3.65
N GLU B 44 -6.87 23.14 4.26
CA GLU B 44 -7.04 23.79 5.56
C GLU B 44 -6.28 23.07 6.68
N GLU B 45 -6.16 21.74 6.57
CA GLU B 45 -5.36 20.99 7.55
C GLU B 45 -3.88 21.21 7.30
N PHE B 46 -3.55 21.45 6.04
CA PHE B 46 -2.16 21.53 5.61
C PHE B 46 -1.47 22.83 5.99
N ARG B 47 -2.24 23.89 6.23
CA ARG B 47 -1.66 25.21 6.44
C ARG B 47 -0.99 25.40 7.78
N ASN B 48 -1.40 24.61 8.77
CA ASN B 48 -0.75 24.69 10.06
C ASN B 48 0.12 23.46 10.34
N PHE B 49 1.44 23.62 10.16
CA PHE B 49 2.39 22.51 10.15
C PHE B 49 2.48 21.77 11.48
N SER B 50 2.76 22.50 12.55
CA SER B 50 2.97 21.89 13.85
C SER B 50 1.74 21.15 14.35
N ARG B 51 0.58 21.71 14.05
CA ARG B 51 -0.68 21.13 14.46
C ARG B 51 -0.95 19.81 13.72
N TYR B 52 -0.62 19.76 12.44
CA TYR B 52 -0.84 18.55 11.68
C TYR B 52 0.09 17.43 12.10
N ILE B 53 1.34 17.77 12.43
CA ILE B 53 2.26 16.81 13.03
C ILE B 53 1.65 16.27 14.33
N ALA B 54 1.13 17.17 15.16
CA ALA B 54 0.47 16.75 16.39
C ALA B 54 -0.68 15.77 16.09
N TYR B 55 -1.46 16.06 15.06
CA TYR B 55 -2.56 15.16 14.66
C TYR B 55 -2.11 13.78 14.21
N ILE B 56 -1.12 13.69 13.33
CA ILE B 56 -0.72 12.37 12.87
C ILE B 56 -0.09 11.55 14.00
N GLU B 57 0.47 12.22 14.99
CA GLU B 57 0.94 11.49 16.16
C GLU B 57 -0.26 10.95 16.96
N SER B 58 -1.35 11.70 17.02
CA SER B 58 -2.56 11.20 17.68
C SER B 58 -3.14 9.98 16.94
N GLN B 59 -2.75 9.82 15.67
CA GLN B 59 -3.14 8.64 14.91
C GLN B 59 -2.08 7.54 14.98
N GLY B 60 -1.02 7.76 15.77
CA GLY B 60 -0.03 6.73 16.01
C GLY B 60 1.12 6.68 15.01
N ALA B 61 1.15 7.65 14.10
CA ALA B 61 2.15 7.71 13.04
C ALA B 61 3.59 7.61 13.52
N HIS B 62 3.85 8.10 14.72
CA HIS B 62 5.21 8.21 15.24
C HIS B 62 5.78 6.86 15.65
N ARG B 63 4.92 5.88 15.86
CA ARG B 63 5.40 4.59 16.38
C ARG B 63 6.28 3.86 15.39
N ALA B 64 6.02 4.04 14.09
CA ALA B 64 6.85 3.46 13.04
C ALA B 64 8.20 4.16 12.91
N GLY B 65 8.27 5.39 13.43
CA GLY B 65 9.46 6.21 13.30
C GLY B 65 9.51 6.96 11.97
N LEU B 66 8.58 6.64 11.07
CA LEU B 66 8.56 7.22 9.72
C LEU B 66 7.11 7.26 9.22
N ALA B 67 6.74 8.36 8.56
CA ALA B 67 5.37 8.56 8.06
C ALA B 67 5.44 9.35 6.76
N LYS B 68 4.54 9.05 5.83
CA LYS B 68 4.46 9.78 4.57
C LYS B 68 3.28 10.76 4.65
N VAL B 69 3.45 11.94 4.05
CA VAL B 69 2.36 12.92 3.95
C VAL B 69 2.28 13.39 2.50
N VAL B 70 1.15 13.10 1.87
CA VAL B 70 0.84 13.54 0.50
C VAL B 70 0.10 14.87 0.60
N PRO B 71 0.69 15.94 0.03
CA PRO B 71 0.05 17.26 0.09
C PRO B 71 -1.19 17.38 -0.81
N PRO B 72 -2.12 18.29 -0.49
CA PRO B 72 -3.27 18.64 -1.34
C PRO B 72 -2.88 18.79 -2.81
N LYS B 73 -3.75 18.39 -3.73
CA LYS B 73 -3.43 18.45 -5.17
C LYS B 73 -3.20 19.87 -5.67
N GLU B 74 -3.80 20.85 -4.98
CA GLU B 74 -3.69 22.26 -5.36
C GLU B 74 -2.38 22.90 -4.96
N TRP B 75 -1.62 22.22 -4.12
CA TRP B 75 -0.41 22.78 -3.54
C TRP B 75 0.81 22.43 -4.38
N LYS B 76 1.64 23.43 -4.65
CA LYS B 76 2.96 23.20 -5.23
C LYS B 76 3.93 24.21 -4.61
N PRO B 77 5.14 23.76 -4.27
CA PRO B 77 6.08 24.65 -3.58
C PRO B 77 6.75 25.64 -4.52
N ARG B 78 6.72 25.32 -5.81
CA ARG B 78 7.47 26.05 -6.82
C ARG B 78 6.80 25.87 -8.17
N ALA B 79 6.85 26.90 -9.02
CA ALA B 79 6.15 26.85 -10.30
C ALA B 79 6.82 25.91 -11.29
N SER B 80 8.15 25.96 -11.38
CA SER B 80 8.89 25.19 -12.38
C SER B 80 10.31 24.84 -11.91
N TYR B 81 10.92 23.80 -12.47
CA TYR B 81 12.26 23.35 -12.06
C TYR B 81 13.28 23.30 -13.22
N ASP B 82 12.96 23.95 -14.34
CA ASP B 82 13.93 24.15 -15.40
C ASP B 82 14.68 25.46 -15.11
N ASP B 83 14.33 26.02 -13.96
CA ASP B 83 14.80 27.31 -13.47
C ASP B 83 16.20 27.26 -12.82
N ILE B 84 16.79 26.08 -12.75
CA ILE B 84 17.91 25.85 -11.83
C ILE B 84 19.06 25.02 -12.36
N ASP B 85 19.22 24.90 -13.68
CA ASP B 85 20.32 24.11 -14.22
C ASP B 85 21.69 24.70 -13.90
N ASP B 86 21.69 25.96 -13.45
CA ASP B 86 22.92 26.68 -13.10
C ASP B 86 23.29 26.52 -11.63
N LEU B 87 22.40 25.90 -10.85
CA LEU B 87 22.64 25.69 -9.41
C LEU B 87 23.91 24.87 -9.21
N VAL B 88 24.75 25.34 -8.28
CA VAL B 88 26.04 24.70 -8.00
C VAL B 88 25.94 23.67 -6.88
N ILE B 89 26.38 22.45 -7.17
CA ILE B 89 26.56 21.44 -6.11
C ILE B 89 28.02 21.50 -5.67
N PRO B 90 28.29 22.19 -4.55
CA PRO B 90 29.67 22.54 -4.17
C PRO B 90 30.53 21.33 -3.83
N ALA B 91 29.96 20.34 -3.17
CA ALA B 91 30.73 19.17 -2.73
C ALA B 91 30.07 17.82 -3.04
N PRO B 92 30.03 17.43 -4.33
CA PRO B 92 29.53 16.12 -4.70
C PRO B 92 30.32 15.04 -3.99
N ILE B 93 29.68 13.90 -3.75
CA ILE B 93 30.24 12.81 -2.96
C ILE B 93 30.20 11.50 -3.73
N GLN B 94 31.36 10.87 -3.97
CA GLN B 94 31.36 9.52 -4.53
C GLN B 94 31.24 8.50 -3.41
N GLN B 95 30.33 7.53 -3.54
CA GLN B 95 30.03 6.60 -2.43
C GLN B 95 30.65 5.22 -2.68
N LEU B 96 31.88 5.04 -2.23
CA LEU B 96 32.51 3.74 -2.20
C LEU B 96 31.90 2.94 -1.07
N VAL B 97 31.71 1.65 -1.29
CA VAL B 97 31.06 0.79 -0.30
C VAL B 97 31.78 -0.54 -0.27
N THR B 98 32.17 -0.95 0.93
CA THR B 98 32.83 -2.23 1.12
C THR B 98 32.02 -3.08 2.09
N GLY B 99 31.92 -4.37 1.79
CA GLY B 99 31.29 -5.31 2.69
C GLY B 99 30.74 -6.54 2.02
N GLN B 100 30.03 -7.36 2.79
CA GLN B 100 29.49 -8.64 2.34
C GLN B 100 28.42 -9.10 3.32
N SER B 101 27.62 -10.10 2.91
CA SER B 101 26.60 -10.71 3.77
C SER B 101 25.67 -9.69 4.42
N GLY B 102 25.27 -8.67 3.65
CA GLY B 102 24.30 -7.70 4.12
C GLY B 102 24.85 -6.62 5.05
N LEU B 103 26.14 -6.62 5.32
CA LEU B 103 26.74 -5.62 6.21
C LEU B 103 27.79 -4.82 5.48
N PHE B 104 27.64 -3.49 5.49
CA PHE B 104 28.50 -2.67 4.67
C PHE B 104 28.98 -1.39 5.36
N THR B 105 30.14 -0.92 4.94
CA THR B 105 30.60 0.40 5.32
C THR B 105 30.81 1.26 4.09
N GLN B 106 30.22 2.44 4.13
CA GLN B 106 30.29 3.41 3.07
C GLN B 106 31.31 4.51 3.33
N TYR B 107 32.21 4.70 2.38
CA TYR B 107 33.22 5.77 2.45
C TYR B 107 32.93 6.88 1.42
N ASN B 108 32.91 8.12 1.88
CA ASN B 108 32.65 9.25 0.99
C ASN B 108 33.91 9.84 0.40
N ILE B 109 33.96 9.92 -0.92
CA ILE B 109 35.03 10.61 -1.63
C ILE B 109 34.50 11.87 -2.26
N GLN B 110 34.91 13.03 -1.76
CA GLN B 110 34.45 14.31 -2.32
C GLN B 110 35.06 14.55 -3.70
N LYS B 111 34.25 15.06 -4.60
CA LYS B 111 34.71 15.38 -5.94
C LYS B 111 34.63 16.88 -6.18
N LYS B 112 35.11 17.32 -7.33
CA LYS B 112 35.06 18.74 -7.68
C LYS B 112 33.60 19.19 -7.78
N ALA B 113 33.37 20.47 -7.52
CA ALA B 113 32.03 21.03 -7.66
C ALA B 113 31.47 20.78 -9.06
N MET B 114 30.17 20.96 -9.18
CA MET B 114 29.51 20.80 -10.46
C MET B 114 28.10 21.39 -10.39
N THR B 115 27.57 21.74 -11.56
CA THR B 115 26.23 22.30 -11.64
C THR B 115 25.19 21.17 -11.67
N VAL B 116 23.96 21.50 -11.33
CA VAL B 116 22.86 20.55 -11.46
C VAL B 116 22.83 19.99 -12.88
N ARG B 117 22.98 20.89 -13.85
CA ARG B 117 23.04 20.52 -15.26
C ARG B 117 24.02 19.38 -15.52
N GLU B 118 25.25 19.50 -15.02
CA GLU B 118 26.29 18.47 -15.22
C GLU B 118 26.02 17.18 -14.44
N PHE B 119 25.45 17.31 -13.24
CA PHE B 119 25.06 16.13 -12.42
C PHE B 119 23.93 15.36 -13.10
N ARG B 120 22.90 16.12 -13.50
N ARG B 120 22.85 16.06 -13.47
CA ARG B 120 21.70 15.66 -14.20
CA ARG B 120 21.74 15.37 -14.15
C ARG B 120 22.04 14.86 -15.46
C ARG B 120 22.27 14.58 -15.32
N LYS B 121 23.18 15.19 -16.06
CA LYS B 121 23.67 14.54 -17.26
C LYS B 121 24.44 13.25 -16.94
N ILE B 122 25.20 13.25 -15.85
CA ILE B 122 25.89 12.02 -15.42
C ILE B 122 24.90 10.97 -14.88
N ALA B 123 23.90 11.45 -14.15
CA ALA B 123 22.88 10.61 -13.56
C ALA B 123 22.11 9.83 -14.61
N ASN B 124 21.77 10.50 -15.70
CA ASN B 124 20.92 9.89 -16.72
C ASN B 124 21.74 9.20 -17.77
N SER B 125 23.06 9.39 -17.72
CA SER B 125 23.99 8.70 -18.61
C SER B 125 23.86 7.19 -18.44
N ASP B 126 24.37 6.42 -19.39
CA ASP B 126 24.12 4.98 -19.42
C ASP B 126 24.81 4.21 -18.31
N LYS B 127 25.92 4.74 -17.83
CA LYS B 127 26.71 4.00 -16.85
C LYS B 127 26.10 4.10 -15.46
N TYR B 128 25.38 5.20 -15.22
CA TYR B 128 24.88 5.49 -13.89
C TYR B 128 23.35 5.54 -13.79
N CYS B 129 22.65 5.21 -14.87
CA CYS B 129 21.18 5.30 -14.84
C CYS B 129 20.53 4.02 -14.30
N THR B 130 19.33 4.18 -13.76
CA THR B 130 18.49 3.10 -13.28
C THR B 130 18.46 1.91 -14.22
N PRO B 131 18.71 0.70 -13.69
CA PRO B 131 18.60 -0.51 -14.51
C PRO B 131 17.14 -0.82 -14.86
N ARG B 132 16.93 -1.67 -15.86
CA ARG B 132 15.59 -2.08 -16.25
C ARG B 132 15.01 -2.93 -15.13
N TYR B 133 13.73 -2.73 -14.83
CA TYR B 133 13.06 -3.55 -13.83
C TYR B 133 11.55 -3.47 -13.98
N SER B 134 10.86 -4.36 -13.25
CA SER B 134 9.40 -4.43 -13.30
C SER B 134 8.72 -3.99 -12.01
N GLU B 135 8.98 -4.74 -10.95
CA GLU B 135 8.41 -4.47 -9.64
C GLU B 135 9.48 -3.88 -8.71
N PHE B 136 9.06 -3.18 -7.65
CA PHE B 136 9.99 -2.59 -6.68
CA PHE B 136 10.04 -2.58 -6.76
C PHE B 136 10.95 -3.60 -6.10
N GLU B 137 10.43 -4.79 -5.81
CA GLU B 137 11.24 -5.82 -5.17
C GLU B 137 12.44 -6.17 -6.04
N GLU B 138 12.31 -5.99 -7.35
CA GLU B 138 13.40 -6.29 -8.25
C GLU B 138 14.46 -5.18 -8.24
N LEU B 139 14.04 -3.92 -8.26
CA LEU B 139 14.99 -2.83 -8.08
C LEU B 139 15.70 -3.01 -6.73
N GLU B 140 14.93 -3.39 -5.71
CA GLU B 140 15.45 -3.52 -4.36
C GLU B 140 16.54 -4.59 -4.30
N ARG B 141 16.27 -5.72 -4.94
CA ARG B 141 17.27 -6.78 -5.04
C ARG B 141 18.52 -6.30 -5.76
N LYS B 142 18.34 -5.56 -6.84
CA LYS B 142 19.49 -5.10 -7.63
C LYS B 142 20.32 -4.08 -6.84
N TYR B 143 19.66 -3.26 -6.03
CA TYR B 143 20.37 -2.38 -5.10
C TYR B 143 21.28 -3.17 -4.15
N TRP B 144 20.74 -4.16 -3.45
CA TRP B 144 21.48 -4.87 -2.41
C TRP B 144 22.54 -5.80 -3.01
N LYS B 145 22.35 -6.14 -4.28
CA LYS B 145 23.27 -7.01 -4.97
C LYS B 145 24.46 -6.25 -5.56
N ASN B 146 24.22 -5.03 -6.03
CA ASN B 146 25.23 -4.24 -6.73
C ASN B 146 25.70 -3.02 -5.94
N LEU B 147 25.39 -3.04 -4.65
CA LEU B 147 25.72 -1.96 -3.73
C LEU B 147 27.18 -1.52 -3.81
N THR B 148 28.08 -2.49 -3.92
CA THR B 148 29.53 -2.23 -3.82
C THR B 148 30.22 -2.01 -5.17
N PHE B 149 29.46 -2.09 -6.27
CA PHE B 149 29.98 -1.96 -7.63
C PHE B 149 29.64 -0.58 -8.18
N ASN B 150 30.48 -0.07 -9.08
CA ASN B 150 30.18 1.16 -9.82
C ASN B 150 29.74 2.32 -8.91
N PRO B 151 30.63 2.79 -8.01
CA PRO B 151 30.21 3.80 -7.02
C PRO B 151 29.60 5.05 -7.64
N PRO B 152 28.38 5.39 -7.20
CA PRO B 152 27.67 6.55 -7.74
C PRO B 152 28.13 7.84 -7.10
N ILE B 153 27.59 8.95 -7.59
CA ILE B 153 27.88 10.24 -7.03
C ILE B 153 26.58 10.76 -6.47
N TYR B 154 26.64 11.30 -5.25
CA TYR B 154 25.51 11.91 -4.56
C TYR B 154 25.77 13.38 -4.37
N GLY B 155 24.85 14.20 -4.88
CA GLY B 155 24.94 15.64 -4.74
C GLY B 155 24.32 16.06 -3.42
N ALA B 156 24.95 15.67 -2.32
CA ALA B 156 24.35 15.79 -1.00
C ALA B 156 24.71 17.07 -0.27
N ASP B 157 23.87 17.42 0.72
CA ASP B 157 24.15 18.50 1.67
C ASP B 157 24.38 19.86 1.00
N VAL B 158 23.61 20.17 -0.03
CA VAL B 158 23.68 21.48 -0.65
C VAL B 158 22.82 22.46 0.11
N ASN B 159 23.46 23.50 0.67
CA ASN B 159 22.72 24.55 1.35
C ASN B 159 21.80 25.26 0.38
N GLY B 160 20.55 25.48 0.80
CA GLY B 160 19.55 26.09 -0.07
C GLY B 160 18.17 25.46 -0.03
N THR B 161 17.23 26.15 -0.68
CA THR B 161 15.82 25.75 -0.74
C THR B 161 15.30 25.99 -2.14
N LEU B 162 14.38 25.15 -2.60
CA LEU B 162 13.81 25.34 -3.93
C LEU B 162 12.40 25.87 -3.83
N TYR B 163 12.00 26.27 -2.64
CA TYR B 163 10.67 26.81 -2.46
C TYR B 163 10.68 28.23 -3.00
N GLU B 164 9.52 28.68 -3.47
N GLU B 164 9.52 28.68 -3.49
CA GLU B 164 9.35 30.07 -3.85
CA GLU B 164 9.38 30.08 -3.85
C GLU B 164 9.15 30.83 -2.54
C GLU B 164 9.15 30.83 -2.55
N LYS B 165 9.64 32.06 -2.49
CA LYS B 165 9.64 32.86 -1.26
C LYS B 165 8.27 32.98 -0.61
N HIS B 166 7.21 32.96 -1.42
CA HIS B 166 5.89 33.28 -0.91
C HIS B 166 5.01 32.05 -0.57
N VAL B 167 5.60 30.86 -0.63
CA VAL B 167 4.87 29.64 -0.24
C VAL B 167 4.91 29.50 1.27
N ASP B 168 3.77 29.67 1.94
CA ASP B 168 3.74 29.69 3.41
C ASP B 168 3.36 28.34 4.07
N GLU B 169 3.04 27.34 3.28
CA GLU B 169 2.64 26.05 3.87
C GLU B 169 3.78 25.03 3.76
N TRP B 170 4.16 24.44 4.88
CA TRP B 170 5.20 23.40 4.89
C TRP B 170 6.46 23.88 4.21
N ASN B 171 6.84 25.12 4.51
CA ASN B 171 8.05 25.67 3.94
C ASN B 171 9.21 25.20 4.80
N ILE B 172 10.06 24.38 4.20
CA ILE B 172 11.14 23.69 4.91
C ILE B 172 12.17 24.70 5.40
N GLY B 173 12.25 25.83 4.70
CA GLY B 173 13.17 26.89 5.07
C GLY B 173 12.75 27.65 6.32
N ARG B 174 11.49 27.52 6.73
CA ARG B 174 11.01 28.29 7.86
C ARG B 174 9.75 27.69 8.53
N LEU B 175 9.86 26.47 9.03
CA LEU B 175 8.71 25.76 9.59
C LEU B 175 8.23 26.36 10.90
N ARG B 176 9.09 27.18 11.52
CA ARG B 176 8.76 27.88 12.76
C ARG B 176 8.36 26.92 13.89
N THR B 177 9.12 25.85 14.09
CA THR B 177 8.92 24.99 15.26
C THR B 177 9.78 25.51 16.40
N ILE B 178 9.54 24.99 17.60
CA ILE B 178 10.33 25.40 18.75
C ILE B 178 11.83 25.10 18.63
N LEU B 179 12.26 24.46 17.52
CA LEU B 179 13.69 24.28 17.27
C LEU B 179 14.37 25.62 16.98
N ASP B 180 13.58 26.60 16.55
CA ASP B 180 14.10 27.93 16.27
C ASP B 180 14.69 28.58 17.51
N LEU B 181 14.23 28.16 18.68
CA LEU B 181 14.81 28.60 19.95
C LEU B 181 16.32 28.46 20.01
N VAL B 182 16.88 27.61 19.14
CA VAL B 182 18.33 27.55 18.99
C VAL B 182 18.82 28.86 18.35
N GLU B 183 18.05 29.37 17.38
CA GLU B 183 18.48 30.54 16.62
C GLU B 183 17.79 31.83 17.06
N LYS B 184 16.47 31.77 17.26
CA LYS B 184 15.69 32.97 17.60
C LYS B 184 15.91 33.44 19.04
N GLU B 185 16.37 32.54 19.91
CA GLU B 185 16.66 32.91 21.30
C GLU B 185 18.16 32.82 21.62
N SER B 186 18.86 31.87 21.00
CA SER B 186 20.29 31.67 21.28
C SER B 186 21.21 32.14 20.13
N GLY B 187 20.62 32.53 19.02
CA GLY B 187 21.37 33.15 17.94
C GLY B 187 22.26 32.19 17.18
N ILE B 188 21.99 30.89 17.30
CA ILE B 188 22.83 29.87 16.67
C ILE B 188 22.15 29.23 15.45
N THR B 189 22.81 29.30 14.31
CA THR B 189 22.26 28.66 13.13
C THR B 189 23.09 27.44 12.79
N ILE B 190 22.42 26.31 12.66
CA ILE B 190 23.12 25.06 12.41
C ILE B 190 22.75 24.51 11.03
N GLU B 191 23.76 24.47 10.18
CA GLU B 191 23.65 24.11 8.77
C GLU B 191 22.93 22.78 8.53
N GLY B 192 21.86 22.81 7.73
CA GLY B 192 21.04 21.64 7.45
C GLY B 192 20.19 21.13 8.62
N VAL B 193 20.29 21.79 9.76
CA VAL B 193 19.62 21.35 10.97
C VAL B 193 18.41 22.23 11.21
N ASN B 194 18.62 23.55 11.30
N ASN B 194 18.62 23.55 11.30
CA ASN B 194 17.50 24.47 11.23
CA ASN B 194 17.47 24.43 11.22
C ASN B 194 17.60 25.33 9.99
C ASN B 194 17.55 25.29 9.97
N THR B 195 18.33 24.83 8.99
CA THR B 195 18.38 25.45 7.67
C THR B 195 18.20 24.34 6.62
N PRO B 196 17.78 24.70 5.39
CA PRO B 196 17.44 23.60 4.50
C PRO B 196 18.62 23.13 3.68
N TYR B 197 18.57 21.86 3.33
CA TYR B 197 19.58 21.19 2.52
C TYR B 197 18.90 20.61 1.29
N LEU B 198 19.63 20.53 0.19
CA LEU B 198 19.14 19.87 -1.00
C LEU B 198 20.01 18.64 -1.24
N TYR B 199 19.37 17.61 -1.79
CA TYR B 199 20.02 16.36 -2.12
C TYR B 199 19.64 15.97 -3.53
N PHE B 200 20.63 15.94 -4.41
CA PHE B 200 20.48 15.48 -5.78
C PHE B 200 20.96 14.05 -5.85
N GLY B 201 20.05 13.12 -6.13
CA GLY B 201 20.42 11.74 -6.14
C GLY B 201 20.57 11.20 -7.54
N MET B 202 21.30 10.11 -7.65
CA MET B 202 21.26 9.29 -8.85
C MET B 202 21.00 7.86 -8.39
N TRP B 203 20.88 6.93 -9.33
CA TRP B 203 20.54 5.57 -8.98
C TRP B 203 21.59 5.00 -8.04
N LYS B 204 21.11 4.36 -6.97
CA LYS B 204 21.93 3.53 -6.09
C LYS B 204 22.74 4.39 -5.08
N THR B 205 22.46 5.69 -5.02
CA THR B 205 22.99 6.50 -3.94
C THR B 205 22.21 6.27 -2.67
N SER B 206 22.91 6.29 -1.54
CA SER B 206 22.39 5.77 -0.27
C SER B 206 22.46 6.73 0.87
N PHE B 207 21.57 6.54 1.83
CA PHE B 207 21.74 7.15 3.13
C PHE B 207 21.74 6.02 4.15
N ALA B 208 22.82 5.97 4.93
CA ALA B 208 23.08 4.89 5.87
C ALA B 208 22.15 4.95 7.07
N TRP B 209 22.12 3.89 7.87
CA TRP B 209 21.26 3.84 9.06
C TRP B 209 21.63 4.90 10.05
N HIS B 210 20.63 5.64 10.55
CA HIS B 210 20.90 6.72 11.50
C HIS B 210 19.62 7.26 12.08
N THR B 211 19.72 7.89 13.25
CA THR B 211 18.71 8.83 13.67
C THR B 211 19.23 10.26 13.38
N GLU B 212 18.35 11.26 13.46
CA GLU B 212 18.76 12.65 13.29
C GLU B 212 19.67 13.09 14.45
N ASP B 213 20.50 14.12 14.22
CA ASP B 213 21.29 14.72 15.27
C ASP B 213 20.37 15.13 16.43
N MET B 214 20.81 14.90 17.65
CA MET B 214 20.02 15.17 18.86
C MET B 214 18.68 14.43 18.84
N ASP B 215 18.59 13.40 18.01
CA ASP B 215 17.36 12.61 17.84
C ASP B 215 16.12 13.50 17.57
N LEU B 216 16.31 14.52 16.76
CA LEU B 216 15.23 15.42 16.32
C LEU B 216 14.28 14.75 15.32
N TYR B 217 13.15 15.41 14.99
CA TYR B 217 12.37 15.08 13.79
C TYR B 217 13.14 15.53 12.57
N SER B 218 12.83 14.95 11.42
CA SER B 218 13.24 15.54 10.16
C SER B 218 12.06 15.58 9.21
N ILE B 219 12.15 16.44 8.21
CA ILE B 219 11.13 16.52 7.16
C ILE B 219 11.88 16.41 5.83
N ASN B 220 11.33 15.68 4.87
CA ASN B 220 12.02 15.48 3.60
C ASN B 220 11.00 15.55 2.46
N TYR B 221 11.20 16.51 1.53
CA TYR B 221 10.32 16.65 0.37
C TYR B 221 11.04 16.31 -0.93
N LEU B 222 10.44 15.43 -1.74
CA LEU B 222 10.99 15.06 -3.05
C LEU B 222 10.46 16.01 -4.13
N HIS B 223 11.27 17.01 -4.50
CA HIS B 223 10.83 18.04 -5.44
C HIS B 223 10.49 17.46 -6.80
N PHE B 224 11.37 16.63 -7.35
CA PHE B 224 11.14 16.03 -8.65
C PHE B 224 12.00 14.79 -8.87
N GLY B 225 11.64 13.98 -9.86
CA GLY B 225 12.54 12.93 -10.32
C GLY B 225 12.08 11.56 -9.89
N GLU B 226 12.97 10.58 -10.02
CA GLU B 226 12.71 9.20 -9.63
C GLU B 226 12.48 9.05 -8.10
N PRO B 227 11.92 7.90 -7.66
CA PRO B 227 11.59 7.74 -6.25
C PRO B 227 12.79 7.60 -5.30
N LYS B 228 12.50 7.73 -4.01
CA LYS B 228 13.45 7.44 -2.95
C LYS B 228 12.83 6.40 -2.02
N SER B 229 13.46 5.23 -1.88
CA SER B 229 12.94 4.22 -0.97
C SER B 229 13.61 4.26 0.41
N TRP B 230 12.77 4.03 1.43
CA TRP B 230 13.12 4.16 2.83
C TRP B 230 12.93 2.84 3.60
N TYR B 231 13.86 2.55 4.51
CA TYR B 231 13.67 1.54 5.56
C TYR B 231 13.53 2.23 6.92
N SER B 232 12.69 1.70 7.79
CA SER B 232 12.52 2.30 9.09
C SER B 232 12.49 1.27 10.21
N VAL B 233 13.10 1.59 11.36
CA VAL B 233 12.96 0.76 12.56
C VAL B 233 12.20 1.52 13.64
N PRO B 234 11.14 0.93 14.20
CA PRO B 234 10.38 1.69 15.19
C PRO B 234 11.25 2.15 16.37
N PRO B 235 11.06 3.40 16.80
CA PRO B 235 11.76 3.94 17.97
C PRO B 235 11.79 2.95 19.15
N GLU B 236 10.69 2.23 19.41
CA GLU B 236 10.69 1.32 20.55
C GLU B 236 11.57 0.09 20.33
N HIS B 237 12.07 -0.11 19.12
CA HIS B 237 13.05 -1.17 18.89
C HIS B 237 14.41 -0.65 18.48
N GLY B 238 14.58 0.68 18.50
CA GLY B 238 15.86 1.29 18.20
C GLY B 238 17.07 0.69 18.92
N LYS B 239 16.95 0.41 20.21
CA LYS B 239 18.08 -0.12 20.99
C LYS B 239 18.57 -1.45 20.45
N ARG B 240 17.64 -2.24 19.91
CA ARG B 240 17.99 -3.57 19.41
C ARG B 240 18.83 -3.44 18.15
N LEU B 241 18.46 -2.51 17.28
CA LEU B 241 19.29 -2.25 16.12
C LEU B 241 20.70 -1.85 16.56
N GLU B 242 20.80 -1.02 17.59
CA GLU B 242 22.11 -0.55 18.07
C GLU B 242 22.97 -1.70 18.61
N ARG B 243 22.35 -2.59 19.38
CA ARG B 243 23.08 -3.76 19.89
C ARG B 243 23.56 -4.65 18.73
N LEU B 244 22.70 -4.83 17.74
CA LEU B 244 23.10 -5.53 16.54
C LEU B 244 24.32 -4.88 15.90
N ALA B 245 24.24 -3.57 15.67
CA ALA B 245 25.34 -2.89 15.00
C ALA B 245 26.63 -3.02 15.81
N LYS B 246 26.54 -2.81 17.12
CA LYS B 246 27.72 -2.89 18.00
C LYS B 246 28.33 -4.27 17.92
N GLY B 247 27.48 -5.28 17.77
CA GLY B 247 27.92 -6.67 17.67
C GLY B 247 28.76 -6.90 16.43
N PHE B 248 28.30 -6.39 15.29
CA PHE B 248 28.98 -6.62 14.02
C PHE B 248 30.16 -5.68 13.76
N PHE B 249 30.26 -4.61 14.53
CA PHE B 249 31.34 -3.66 14.37
C PHE B 249 31.93 -3.31 15.72
N PRO B 250 32.53 -4.33 16.39
CA PRO B 250 33.00 -4.12 17.75
C PRO B 250 34.08 -3.06 17.81
N GLY B 251 34.94 -2.97 16.81
CA GLY B 251 35.99 -1.95 16.81
C GLY B 251 35.42 -0.55 16.80
N SER B 252 34.43 -0.32 15.95
CA SER B 252 33.79 0.99 15.86
C SER B 252 33.11 1.33 17.18
N ALA B 253 32.45 0.35 17.79
CA ALA B 253 31.76 0.59 19.06
C ALA B 253 32.72 1.02 20.18
N GLN B 254 33.97 0.60 20.12
CA GLN B 254 34.94 1.00 21.15
C GLN B 254 35.46 2.41 20.92
N SER B 255 35.55 2.83 19.66
CA SER B 255 36.11 4.14 19.36
C SER B 255 35.09 5.26 19.59
N CYS B 256 33.80 4.93 19.56
CA CYS B 256 32.79 5.96 19.66
C CYS B 256 31.49 5.45 20.28
N GLU B 257 30.89 6.28 21.13
CA GLU B 257 29.68 5.92 21.87
C GLU B 257 28.44 5.88 20.98
N ALA B 258 28.51 6.55 19.83
CA ALA B 258 27.38 6.62 18.90
C ALA B 258 27.85 6.53 17.46
N PHE B 259 28.49 5.42 17.08
CA PHE B 259 29.17 5.40 15.79
C PHE B 259 28.20 5.40 14.59
N LEU B 260 26.94 5.01 14.79
CA LEU B 260 25.99 5.06 13.69
C LEU B 260 25.76 6.51 13.26
N ARG B 261 26.08 7.46 14.14
CA ARG B 261 25.93 8.89 13.80
C ARG B 261 26.94 9.34 12.73
N HIS B 262 27.93 8.50 12.45
CA HIS B 262 28.85 8.72 11.34
C HIS B 262 28.14 8.52 9.99
N LYS B 263 27.01 7.81 10.00
CA LYS B 263 26.20 7.61 8.79
C LYS B 263 27.01 6.94 7.71
N MET B 264 27.68 5.87 8.10
CA MET B 264 28.53 5.09 7.22
C MET B 264 28.12 3.61 7.20
N THR B 265 27.12 3.25 7.99
CA THR B 265 26.83 1.82 8.17
C THR B 265 25.59 1.42 7.40
N LEU B 266 25.75 0.45 6.50
CA LEU B 266 24.65 -0.06 5.68
C LEU B 266 24.32 -1.50 6.10
N ILE B 267 23.05 -1.77 6.32
CA ILE B 267 22.59 -3.07 6.80
C ILE B 267 21.33 -3.49 6.02
N SER B 268 21.39 -4.63 5.36
CA SER B 268 20.29 -5.05 4.49
C SER B 268 19.06 -5.50 5.28
N PRO B 269 17.88 -5.46 4.63
CA PRO B 269 16.66 -5.94 5.29
C PRO B 269 16.67 -7.42 5.60
N LEU B 270 17.43 -8.20 4.82
CA LEU B 270 17.58 -9.61 5.12
C LEU B 270 18.32 -9.81 6.42
N MET B 271 19.27 -8.93 6.73
CA MET B 271 19.98 -9.07 8.00
C MET B 271 19.09 -8.66 9.16
N LEU B 272 18.33 -7.59 8.97
CA LEU B 272 17.36 -7.19 10.00
C LEU B 272 16.37 -8.34 10.31
N LYS B 273 15.86 -8.95 9.25
CA LYS B 273 14.88 -10.02 9.41
C LYS B 273 15.53 -11.20 10.14
N LYS B 274 16.74 -11.55 9.72
CA LYS B 274 17.50 -12.64 10.34
C LYS B 274 17.68 -12.48 11.85
N TYR B 275 17.98 -11.27 12.31
CA TYR B 275 18.27 -11.11 13.74
C TYR B 275 17.04 -10.61 14.48
N GLY B 276 15.89 -10.71 13.82
CA GLY B 276 14.63 -10.41 14.48
C GLY B 276 14.42 -8.95 14.83
N ILE B 277 15.03 -8.04 14.07
CA ILE B 277 14.71 -6.61 14.23
C ILE B 277 13.49 -6.21 13.42
N PRO B 278 12.45 -5.71 14.08
CA PRO B 278 11.27 -5.23 13.34
C PRO B 278 11.59 -4.02 12.47
N PHE B 279 11.06 -3.98 11.26
CA PHE B 279 11.28 -2.82 10.38
C PHE B 279 10.14 -2.75 9.41
N ASP B 280 10.01 -1.62 8.72
CA ASP B 280 9.05 -1.51 7.62
C ASP B 280 9.78 -0.82 6.45
N LYS B 281 9.12 -0.75 5.30
CA LYS B 281 9.67 -0.05 4.15
C LYS B 281 8.60 0.75 3.39
N VAL B 282 9.02 1.75 2.65
CA VAL B 282 8.08 2.62 1.97
C VAL B 282 8.85 3.34 0.89
N THR B 283 8.16 3.64 -0.21
CA THR B 283 8.78 4.34 -1.30
C THR B 283 8.11 5.70 -1.43
N GLN B 284 8.92 6.75 -1.48
CA GLN B 284 8.46 8.11 -1.55
C GLN B 284 8.51 8.57 -2.99
N GLU B 285 7.43 9.14 -3.51
CA GLU B 285 7.40 9.59 -4.90
C GLU B 285 7.49 11.12 -4.98
N ALA B 286 7.78 11.63 -6.18
CA ALA B 286 7.90 13.08 -6.39
C ALA B 286 6.65 13.79 -5.90
N GLY B 287 6.82 14.87 -5.16
CA GLY B 287 5.70 15.63 -4.66
C GLY B 287 5.24 15.15 -3.30
N GLU B 288 5.95 14.21 -2.70
CA GLU B 288 5.54 13.67 -1.40
C GLU B 288 6.52 13.97 -0.29
N PHE B 289 5.97 14.16 0.91
CA PHE B 289 6.73 14.37 2.15
C PHE B 289 6.94 13.09 2.94
N MET B 290 8.16 12.92 3.47
CA MET B 290 8.41 11.97 4.53
C MET B 290 8.81 12.71 5.80
N ILE B 291 8.20 12.31 6.91
CA ILE B 291 8.54 12.76 8.26
C ILE B 291 9.23 11.65 9.05
N THR B 292 10.41 11.92 9.62
CA THR B 292 11.02 10.95 10.52
C THR B 292 10.85 11.48 11.95
N PHE B 293 10.76 10.57 12.91
CA PHE B 293 10.41 10.93 14.26
C PHE B 293 11.59 10.72 15.22
N PRO B 294 11.52 11.36 16.40
CA PRO B 294 12.65 11.20 17.34
C PRO B 294 13.03 9.75 17.57
N TYR B 295 14.32 9.47 17.41
CA TYR B 295 14.90 8.15 17.65
C TYR B 295 14.36 7.12 16.68
N GLY B 296 13.90 7.59 15.53
CA GLY B 296 13.45 6.69 14.49
C GLY B 296 14.62 6.43 13.56
N TYR B 297 15.19 5.22 13.63
CA TYR B 297 16.28 4.85 12.73
C TYR B 297 15.75 4.66 11.32
N HIS B 298 16.51 5.13 10.34
CA HIS B 298 16.10 4.95 8.94
C HIS B 298 17.27 4.93 8.01
N ALA B 299 17.04 4.38 6.83
CA ALA B 299 18.04 4.21 5.78
C ALA B 299 17.31 4.05 4.44
N GLY B 300 18.03 4.16 3.32
CA GLY B 300 17.43 3.86 2.04
C GLY B 300 18.29 4.23 0.87
N PHE B 301 17.67 4.39 -0.31
CA PHE B 301 18.41 4.67 -1.53
C PHE B 301 17.55 5.38 -2.60
N ASN B 302 18.21 6.02 -3.54
CA ASN B 302 17.50 6.71 -4.62
C ASN B 302 17.38 5.85 -5.87
N HIS B 303 16.21 5.91 -6.52
CA HIS B 303 15.98 5.03 -7.69
C HIS B 303 16.66 5.56 -8.93
N GLY B 304 16.74 6.89 -9.05
CA GLY B 304 17.37 7.50 -10.21
C GLY B 304 17.53 8.99 -9.93
N PHE B 305 17.68 9.78 -10.99
CA PHE B 305 17.95 11.21 -10.82
C PHE B 305 16.75 11.84 -10.13
N ASN B 306 17.02 12.59 -9.06
CA ASN B 306 15.96 13.26 -8.31
C ASN B 306 16.51 14.38 -7.48
N CYS B 307 15.62 15.12 -6.84
CA CYS B 307 16.05 16.15 -5.93
C CYS B 307 15.12 16.26 -4.76
N ALA B 308 15.72 16.34 -3.56
CA ALA B 308 15.00 16.38 -2.31
C ALA B 308 15.50 17.48 -1.42
N GLU B 309 14.60 18.03 -0.62
CA GLU B 309 14.93 19.09 0.31
C GLU B 309 14.53 18.65 1.70
N SER B 310 15.37 18.91 2.69
CA SER B 310 15.06 18.54 4.07
C SER B 310 15.65 19.46 5.14
N THR B 311 15.13 19.35 6.35
CA THR B 311 15.71 20.01 7.51
C THR B 311 15.20 19.30 8.77
N ASN B 312 15.71 19.69 9.94
CA ASN B 312 15.21 19.14 11.18
C ASN B 312 14.17 20.04 11.81
N PHE B 313 13.40 19.50 12.74
CA PHE B 313 12.44 20.31 13.46
C PHE B 313 12.12 19.64 14.77
N ALA B 314 11.41 20.36 15.63
CA ALA B 314 11.13 19.84 16.96
C ALA B 314 9.66 20.04 17.29
N THR B 315 9.21 19.30 18.28
CA THR B 315 7.95 19.52 18.96
C THR B 315 8.29 19.45 20.46
N ARG B 316 7.31 19.65 21.35
CA ARG B 316 7.57 19.54 22.77
C ARG B 316 7.97 18.13 23.18
N ARG B 317 7.48 17.14 22.43
CA ARG B 317 7.75 15.75 22.75
C ARG B 317 9.21 15.43 22.54
N TRP B 318 9.84 16.11 21.57
CA TRP B 318 11.26 15.92 21.30
C TRP B 318 12.19 16.23 22.49
N ILE B 319 11.81 17.15 23.35
CA ILE B 319 12.73 17.67 24.38
C ILE B 319 13.35 16.60 25.24
N GLU B 320 12.55 15.64 25.66
CA GLU B 320 13.06 14.54 26.47
C GLU B 320 14.06 13.70 25.67
N TYR B 321 13.79 13.52 24.39
CA TYR B 321 14.74 12.84 23.52
C TYR B 321 16.06 13.60 23.42
N GLY B 322 15.96 14.90 23.16
CA GLY B 322 17.15 15.75 23.11
C GLY B 322 18.02 15.61 24.35
N LYS B 323 17.35 15.58 25.50
CA LYS B 323 18.02 15.47 26.78
C LYS B 323 18.74 14.13 26.91
N GLN B 324 18.20 13.09 26.30
CA GLN B 324 18.76 11.76 26.51
C GLN B 324 19.59 11.24 25.34
N ALA B 325 19.76 12.06 24.30
CA ALA B 325 20.44 11.58 23.09
C ALA B 325 21.85 11.18 23.41
N VAL B 326 22.30 10.06 22.87
CA VAL B 326 23.72 9.68 22.99
C VAL B 326 24.47 10.19 21.75
N LEU B 327 25.50 11.00 21.98
CA LEU B 327 26.13 11.72 20.89
C LEU B 327 27.48 11.13 20.47
N CYS B 328 27.92 11.48 19.27
CA CYS B 328 29.23 11.05 18.78
C CYS B 328 30.33 11.56 19.72
N SER B 329 31.25 10.67 20.12
CA SER B 329 32.28 11.06 21.08
C SER B 329 33.69 11.03 20.50
N CYS B 330 33.82 10.89 19.19
CA CYS B 330 35.15 10.77 18.58
C CYS B 330 35.47 11.92 17.63
N ARG B 331 34.54 12.87 17.50
CA ARG B 331 34.72 14.02 16.63
C ARG B 331 34.25 15.32 17.30
N LYS B 332 35.03 16.39 17.15
CA LYS B 332 34.65 17.71 17.66
C LYS B 332 33.67 18.39 16.70
N ASP B 333 33.70 17.93 15.46
CA ASP B 333 32.80 18.35 14.38
C ASP B 333 31.31 18.41 14.74
N MET B 334 30.90 17.51 15.62
CA MET B 334 29.51 17.05 15.67
C MET B 334 28.49 18.05 16.20
N VAL B 335 27.25 17.88 15.72
CA VAL B 335 26.12 18.68 16.15
C VAL B 335 25.73 18.35 17.59
N LYS B 336 25.90 19.35 18.45
CA LYS B 336 25.46 19.26 19.84
C LYS B 336 24.64 20.50 20.14
N ILE B 337 23.41 20.28 20.58
CA ILE B 337 22.52 21.38 20.91
C ILE B 337 22.35 21.44 22.41
N SER B 338 22.59 22.61 22.99
CA SER B 338 22.38 22.82 24.43
C SER B 338 20.89 22.77 24.73
N MET B 339 20.47 21.87 25.62
CA MET B 339 19.05 21.66 25.89
C MET B 339 18.50 22.65 26.93
N ASP B 340 19.40 23.46 27.47
CA ASP B 340 19.10 24.29 28.62
C ASP B 340 17.91 25.23 28.39
N VAL B 341 17.90 25.95 27.28
CA VAL B 341 16.76 26.80 26.99
C VAL B 341 15.45 26.01 26.87
N PHE B 342 15.52 24.73 26.48
CA PHE B 342 14.31 23.96 26.30
C PHE B 342 13.75 23.50 27.63
N VAL B 343 14.63 23.03 28.50
CA VAL B 343 14.21 22.57 29.81
C VAL B 343 13.68 23.77 30.59
N ARG B 344 14.45 24.85 30.59
CA ARG B 344 14.07 26.08 31.29
C ARG B 344 12.67 26.55 30.90
N LYS B 345 12.38 26.54 29.60
CA LYS B 345 11.14 27.09 29.08
C LYS B 345 9.96 26.12 29.16
N PHE B 346 10.16 24.86 28.81
CA PHE B 346 9.02 23.94 28.70
C PHE B 346 8.90 22.95 29.82
N GLN B 347 9.99 22.77 30.58
CA GLN B 347 9.95 21.94 31.79
C GLN B 347 10.42 22.69 33.06
N PRO B 348 9.83 23.86 33.37
CA PRO B 348 10.37 24.65 34.50
C PRO B 348 10.43 23.89 35.81
N GLU B 349 9.51 22.96 36.02
CA GLU B 349 9.43 22.29 37.30
C GLU B 349 10.48 21.20 37.43
N ARG B 350 11.14 20.86 36.33
CA ARG B 350 12.17 19.82 36.34
C ARG B 350 13.60 20.39 36.18
N TYR B 351 13.68 21.67 35.86
CA TYR B 351 14.95 22.31 35.52
C TYR B 351 16.00 22.17 36.62
N LYS B 352 15.63 22.52 37.84
CA LYS B 352 16.59 22.41 38.94
C LYS B 352 17.10 20.97 39.07
N LEU B 353 16.18 20.01 39.10
CA LEU B 353 16.53 18.59 39.19
C LEU B 353 17.44 18.19 38.02
N TRP B 354 17.05 18.54 36.80
CA TRP B 354 17.80 18.19 35.61
C TRP B 354 19.25 18.69 35.70
N LYS B 355 19.41 19.96 36.06
CA LYS B 355 20.74 20.55 36.20
C LYS B 355 21.59 19.84 37.24
N ALA B 356 20.95 19.29 38.26
CA ALA B 356 21.69 18.55 39.28
C ALA B 356 22.07 17.14 38.79
N GLY B 357 21.62 16.77 37.59
CA GLY B 357 21.88 15.44 37.05
C GLY B 357 21.07 14.34 37.73
N LYS B 358 19.91 14.70 38.28
CA LYS B 358 19.06 13.72 38.95
C LYS B 358 17.68 13.62 38.29
N ASP B 359 17.56 14.08 37.04
CA ASP B 359 16.32 13.87 36.28
C ASP B 359 16.35 12.46 35.69
N ASN B 360 15.51 11.58 36.24
CA ASN B 360 15.41 10.21 35.77
C ASN B 360 14.09 9.93 35.06
N THR B 361 13.62 10.89 34.26
CA THR B 361 12.49 10.67 33.39
C THR B 361 12.78 9.53 32.42
N VAL B 362 11.79 8.64 32.26
CA VAL B 362 11.90 7.49 31.37
C VAL B 362 11.02 7.70 30.13
N ILE B 363 11.64 7.68 28.95
CA ILE B 363 10.88 7.93 27.73
C ILE B 363 9.99 6.75 27.34
N ASP B 364 8.72 7.03 27.05
CA ASP B 364 7.79 6.05 26.50
C ASP B 364 7.51 6.42 25.04
N HIS B 365 8.07 5.63 24.13
CA HIS B 365 8.03 5.94 22.70
C HIS B 365 6.63 5.88 22.07
N THR B 366 5.63 5.38 22.80
CA THR B 366 4.31 5.16 22.19
C THR B 366 3.39 6.37 22.36
N LEU B 367 3.67 7.21 23.35
CA LEU B 367 2.88 8.42 23.61
C LEU B 367 3.04 9.52 22.56
N PRO B 368 1.94 10.16 22.16
CA PRO B 368 2.04 11.29 21.24
C PRO B 368 2.49 12.57 21.96
N THR B 369 2.92 13.56 21.18
CA THR B 369 3.31 14.86 21.74
C THR B 369 2.10 15.44 22.48
N PRO B 370 2.35 16.21 23.57
CA PRO B 370 1.26 16.83 24.34
C PRO B 370 0.31 17.70 23.48
N GLU B 371 0.84 18.33 22.44
CA GLU B 371 0.05 19.18 21.54
C GLU B 371 -1.13 18.46 20.88
N ALA B 372 -1.15 17.12 20.96
CA ALA B 372 -2.19 16.31 20.31
C ALA B 372 -3.40 16.03 21.22
N ALA B 373 -3.41 16.63 22.40
CA ALA B 373 -4.47 16.40 23.39
C ALA B 373 -5.88 16.64 22.83
N GLU B 374 -6.02 17.68 22.01
CA GLU B 374 -7.31 18.07 21.46
C GLU B 374 -7.88 17.05 20.47
N PHE B 375 -7.00 16.24 19.88
CA PHE B 375 -7.39 15.25 18.87
C PHE B 375 -7.81 13.92 19.51
S SO4 C . -7.43 -12.01 15.57
O1 SO4 C . -8.36 -10.87 15.56
O2 SO4 C . -7.23 -12.47 14.19
O3 SO4 C . -6.12 -11.64 16.11
O4 SO4 C . -8.01 -13.09 16.37
MN MN D . -15.64 -12.51 -5.74
ZN ZN E . -9.11 -21.40 6.81
C1 EDO F . -4.70 -14.16 3.57
O1 EDO F . -5.74 -15.07 3.14
C2 EDO F . -3.57 -14.90 4.30
O2 EDO F . -4.02 -15.49 5.55
C1 EDO G . -8.71 -15.49 -1.21
O1 EDO G . -9.73 -14.82 -0.47
C2 EDO G . -7.30 -14.91 -1.01
O2 EDO G . -6.58 -15.52 0.08
C1 EDO H . -12.58 -6.73 13.50
O1 EDO H . -13.03 -7.80 14.32
C2 EDO H . -11.96 -5.58 14.32
O2 EDO H . -10.68 -5.95 14.85
C1 EDO I . 3.34 2.05 2.35
O1 EDO I . 2.50 3.10 2.86
C2 EDO I . 3.86 1.19 3.49
O2 EDO I . 5.24 1.43 3.79
O3 6Z1 J . -18.50 -17.75 -0.36
C4 6Z1 J . -18.89 -16.69 0.12
C3 6Z1 J . -19.42 -16.62 1.50
C2 6Z1 J . -19.83 -17.71 2.29
N2 6Z1 J . -19.54 -15.48 2.14
O4 6Z1 J . -20.04 -15.84 3.42
C1 6Z1 J . -20.18 -17.18 3.46
C 6Z1 J . -20.65 -17.76 4.74
N 6Z1 J . -18.89 -15.53 -0.57
C5 6Z1 J . -18.32 -15.25 -1.85
C10 6Z1 J . -18.49 -13.98 -2.38
C9 6Z1 J . -17.99 -13.64 -3.63
C8 6Z1 J . -17.24 -14.60 -4.32
O2 6Z1 J . -16.64 -14.28 -5.49
C7 6Z1 J . -17.06 -15.88 -3.79
C6 6Z1 J . -17.61 -16.20 -2.57
C11 6Z1 J . -18.43 -12.37 -4.27
N1 6Z1 J . -17.51 -11.71 -5.02
C15 6Z1 J . -17.92 -10.60 -5.63
C14 6Z1 J . -19.20 -10.08 -5.54
C13 6Z1 J . -20.12 -10.75 -4.75
C12 6Z1 J . -19.73 -11.91 -4.10
C16 6Z1 J . -21.44 -10.15 -4.45
O1 6Z1 J . -21.94 -9.31 -5.18
O 6Z1 J . -22.06 -10.66 -3.41
S DMS K . -19.10 -17.03 -7.58
O DMS K . -20.52 -17.33 -7.96
C1 DMS K . -18.97 -15.28 -7.12
C2 DMS K . -18.72 -17.80 -5.99
S SO4 L . 35.13 -2.95 13.29
O1 SO4 L . 34.17 -1.92 13.71
O2 SO4 L . 34.59 -3.76 12.21
O3 SO4 L . 36.35 -2.27 12.85
O4 SO4 L . 35.44 -3.82 14.42
MN MN M . 17.67 11.22 8.21
ZN ZN N . 31.97 9.26 16.62
C1 EDO O . 31.43 -4.84 7.10
O1 EDO O . 31.45 -6.08 6.38
C2 EDO O . 31.70 -3.65 6.19
O2 EDO O . 32.65 -2.77 6.78
C1 EDO P . 24.88 3.41 17.92
O1 EDO P . 25.31 4.59 17.22
C2 EDO P . 26.11 2.57 18.28
O2 EDO P . 26.93 3.34 19.17
C1 EDO Q . 25.31 -10.04 16.09
O1 EDO Q . 25.23 -8.97 17.05
C2 EDO Q . 26.52 -10.93 16.41
O2 EDO Q . 27.69 -10.13 16.64
C1 EDO R . 17.27 14.52 -19.60
O1 EDO R . 16.78 15.69 -18.90
C2 EDO R . 18.70 14.20 -19.16
O2 EDO R . 19.57 15.33 -19.30
O3 6Z1 S . 25.05 14.57 7.34
C4 6Z1 S . 25.05 13.62 6.54
C3 6Z1 S . 26.32 13.16 5.91
C2 6Z1 S . 27.60 13.65 6.16
N2 6Z1 S . 26.32 12.15 5.04
O4 6Z1 S . 27.69 11.98 4.71
C1 6Z1 S . 28.42 12.89 5.40
C 6Z1 S . 29.88 12.85 5.20
N 6Z1 S . 23.93 12.95 6.13
C5 6Z1 S . 22.63 12.96 6.69
C10 6Z1 S . 21.65 12.22 6.03
C9 6Z1 S . 20.32 12.21 6.45
C8 6Z1 S . 20.00 12.93 7.62
O2 6Z1 S . 18.72 12.98 8.07
C7 6Z1 S . 20.99 13.64 8.30
C6 6Z1 S . 22.28 13.67 7.82
C11 6Z1 S . 19.27 11.63 5.58
N1 6Z1 S . 18.15 11.18 6.19
C15 6Z1 S . 17.13 10.80 5.41
C14 6Z1 S . 17.17 10.84 4.02
C13 6Z1 S . 18.33 11.28 3.41
C12 6Z1 S . 19.40 11.65 4.20
C16 6Z1 S . 18.47 11.27 1.93
O1 6Z1 S . 17.49 11.22 1.20
O 6Z1 S . 19.68 11.44 1.49
S DMS T . 18.54 17.05 7.29
O DMS T . 18.75 18.26 6.43
C1 DMS T . 18.60 15.56 6.25
C2 DMS T . 20.00 16.86 8.37
#